data_4ONQ
#
_entry.id   4ONQ
#
_cell.length_a   131.504
_cell.length_b   131.504
_cell.length_c   88.180
_cell.angle_alpha   90.00
_cell.angle_beta   90.00
_cell.angle_gamma   120.00
#
_symmetry.space_group_name_H-M   'P 65'
#
loop_
_entity.id
_entity.type
_entity.pdbx_description
1 polymer 'DNA methyltransferase'
2 non-polymer SINEFUNGIN
3 water water
#
_entity_poly.entity_id   1
_entity_poly.type   'polypeptide(L)'
_entity_poly.pdbx_seq_one_letter_code
;SEFETIRLPKPMIGFGVPTEPLPAMVRRTLPSQAVGPPFFYYENVALAPKGVWDTISSSLYDIEPEFVDSKYFCAAARKR
GYIHNLPVENRFPLFPLAPRTIHEALPLSKKWWPSWDPRTKLNCLQTAIGSAQLTNRIRKAVEDFDGEPPMRVQKFVLDQ
CRKWNLVWVGRNKVAPLEPDEVEMLLGFPKNHTRGGGISRTDRYKSLGNSFQVDTVAYHLSVLKDLFPGGINVLSLFSGI
GGGEVALYRLGIPLNTVVSVEKSEVNRDIVRSWWEQTNQRGNLIHFNDVQQLNGDRLEQLIESFGGFDLVIGGSPCNNLA
GSNRVSRDGLEGKESSLFSSYVRILDLVKSIMSRHKH
;
_entity_poly.pdbx_strand_id   A,B
#
loop_
_chem_comp.id
_chem_comp.type
_chem_comp.name
_chem_comp.formula
SFG non-polymer SINEFUNGIN 'C15 H23 N7 O5'
#
# COMPACT_ATOMS: atom_id res chain seq x y z
N ARG A 7 -28.00 9.07 -9.19
CA ARG A 7 -27.13 9.97 -9.89
C ARG A 7 -25.72 9.51 -9.74
N LEU A 8 -25.50 8.59 -8.82
CA LEU A 8 -24.15 8.23 -8.44
C LEU A 8 -23.86 6.76 -8.67
N PRO A 9 -22.60 6.44 -8.84
CA PRO A 9 -22.16 5.13 -9.28
C PRO A 9 -22.40 4.02 -8.27
N LYS A 10 -22.48 2.79 -8.73
CA LYS A 10 -22.90 1.67 -7.90
C LYS A 10 -22.00 1.34 -6.73
N PRO A 11 -20.68 1.28 -6.98
CA PRO A 11 -19.81 1.46 -5.86
C PRO A 11 -19.00 2.71 -6.11
N MET A 12 -18.89 3.58 -5.14
CA MET A 12 -18.22 4.85 -5.32
C MET A 12 -16.74 4.74 -5.15
N ILE A 13 -16.07 4.16 -6.13
CA ILE A 13 -14.67 3.98 -6.02
C ILE A 13 -13.91 4.83 -6.98
N GLY A 14 -14.58 5.76 -7.61
CA GLY A 14 -13.89 6.60 -8.55
C GLY A 14 -13.22 5.78 -9.61
N PHE A 15 -11.97 6.08 -9.89
CA PHE A 15 -11.21 5.37 -10.87
C PHE A 15 -10.54 4.24 -10.17
N GLY A 16 -10.80 4.11 -8.89
CA GLY A 16 -10.22 3.01 -8.15
C GLY A 16 -9.89 3.36 -6.71
N VAL A 17 -10.05 2.38 -5.83
CA VAL A 17 -9.65 2.53 -4.43
C VAL A 17 -8.73 1.37 -4.07
N PRO A 18 -7.82 1.56 -3.12
CA PRO A 18 -6.79 0.56 -2.84
C PRO A 18 -7.33 -0.76 -2.32
N THR A 19 -8.46 -0.76 -1.67
CA THR A 19 -8.98 -1.93 -1.00
C THR A 19 -9.87 -2.84 -1.84
N GLU A 20 -10.12 -2.45 -3.07
CA GLU A 20 -10.96 -3.27 -3.87
C GLU A 20 -10.36 -3.42 -5.20
N PRO A 21 -10.92 -4.31 -5.99
CA PRO A 21 -10.40 -4.55 -7.32
C PRO A 21 -10.70 -3.39 -8.21
N LEU A 22 -9.76 -3.03 -9.05
CA LEU A 22 -9.85 -1.88 -9.92
C LEU A 22 -11.09 -2.02 -10.78
N PRO A 23 -11.77 -0.93 -11.09
CA PRO A 23 -12.91 -1.18 -11.94
C PRO A 23 -12.41 -1.60 -13.30
N ALA A 24 -13.32 -1.92 -14.19
CA ALA A 24 -12.94 -2.39 -15.52
C ALA A 24 -12.41 -1.18 -16.29
N MET A 25 -12.76 0.01 -15.83
CA MET A 25 -12.34 1.25 -16.51
C MET A 25 -11.64 2.23 -15.58
N VAL A 26 -10.34 2.44 -15.80
CA VAL A 26 -9.49 3.26 -14.95
C VAL A 26 -8.80 4.35 -15.77
N ARG A 27 -9.29 4.59 -16.97
CA ARG A 27 -8.69 5.57 -17.87
C ARG A 27 -9.43 6.91 -17.86
N ARG A 28 -8.74 7.98 -18.20
CA ARG A 28 -9.40 9.25 -18.40
C ARG A 28 -8.59 10.03 -19.40
N THR A 29 -9.27 10.69 -20.30
CA THR A 29 -8.61 11.54 -21.23
C THR A 29 -8.95 12.98 -20.90
N LEU A 30 -7.95 13.71 -20.48
CA LEU A 30 -8.15 15.10 -20.10
C LEU A 30 -8.41 15.98 -21.31
N PRO A 31 -9.47 16.79 -21.23
CA PRO A 31 -9.65 17.88 -22.19
C PRO A 31 -8.37 18.69 -22.33
N SER A 32 -8.04 19.11 -23.55
CA SER A 32 -6.75 19.77 -23.82
C SER A 32 -6.50 21.00 -22.95
N GLN A 33 -7.56 21.76 -22.71
CA GLN A 33 -7.45 22.99 -21.91
C GLN A 33 -7.31 22.67 -20.43
N ALA A 34 -7.76 21.49 -20.04
CA ALA A 34 -7.75 21.07 -18.65
C ALA A 34 -6.34 20.66 -18.19
N VAL A 35 -5.44 20.48 -19.14
CA VAL A 35 -4.08 20.02 -18.81
C VAL A 35 -3.18 21.19 -18.45
N GLY A 36 -1.87 20.99 -18.60
CA GLY A 36 -0.89 22.02 -18.30
C GLY A 36 -0.80 22.32 -16.81
N PRO A 37 0.29 22.95 -16.40
CA PRO A 37 0.45 23.45 -15.02
C PRO A 37 -0.47 24.64 -14.79
N PRO A 38 -1.01 24.78 -13.57
CA PRO A 38 -0.76 23.94 -12.40
C PRO A 38 -1.68 22.73 -12.35
N PHE A 39 -1.44 21.84 -11.39
CA PHE A 39 -2.39 20.79 -11.07
C PHE A 39 -3.45 21.40 -10.17
N PHE A 40 -4.70 20.99 -10.35
CA PHE A 40 -5.75 21.48 -9.46
C PHE A 40 -6.62 20.37 -8.92
N TYR A 41 -7.14 20.58 -7.73
CA TYR A 41 -7.91 19.58 -7.02
C TYR A 41 -9.05 20.29 -6.31
N TYR A 42 -10.28 20.00 -6.72
CA TYR A 42 -11.46 20.61 -6.14
C TYR A 42 -12.37 19.56 -5.52
N GLU A 43 -12.84 19.81 -4.31
CA GLU A 43 -13.69 18.85 -3.61
C GLU A 43 -15.06 19.45 -3.32
N ASN A 44 -16.11 18.68 -3.58
CA ASN A 44 -17.45 19.11 -3.19
C ASN A 44 -18.30 17.94 -2.75
N VAL A 45 -19.38 18.22 -2.03
CA VAL A 45 -20.33 17.19 -1.62
C VAL A 45 -20.80 16.40 -2.84
N ALA A 46 -20.83 15.08 -2.72
CA ALA A 46 -21.28 14.23 -3.82
C ALA A 46 -22.75 14.46 -4.15
N LEU A 47 -23.61 14.38 -3.14
CA LEU A 47 -25.05 14.50 -3.36
C LEU A 47 -25.47 15.95 -3.60
N ALA A 48 -25.87 16.22 -4.83
CA ALA A 48 -26.23 17.57 -5.25
C ALA A 48 -27.01 17.45 -6.54
N PRO A 49 -27.87 18.44 -6.84
CA PRO A 49 -28.67 18.34 -8.06
C PRO A 49 -27.81 18.29 -9.32
N LYS A 50 -28.36 17.71 -10.39
CA LYS A 50 -27.67 17.54 -11.66
C LYS A 50 -27.03 18.84 -12.18
N GLY A 51 -27.81 19.92 -12.07
CA GLY A 51 -27.40 21.22 -12.57
C GLY A 51 -26.17 21.78 -11.88
N VAL A 52 -26.01 21.49 -10.60
CA VAL A 52 -24.87 22.01 -9.85
C VAL A 52 -23.56 21.39 -10.33
N TRP A 53 -23.53 20.07 -10.42
CA TRP A 53 -22.34 19.39 -10.90
C TRP A 53 -22.07 19.72 -12.37
N ASP A 54 -23.13 19.91 -13.14
CA ASP A 54 -22.97 20.40 -14.51
C ASP A 54 -22.25 21.76 -14.52
N THR A 55 -22.73 22.67 -13.68
CA THR A 55 -22.12 24.00 -13.54
C THR A 55 -20.64 23.92 -13.13
N ILE A 56 -20.36 23.11 -12.13
CA ILE A 56 -19.00 22.94 -11.63
C ILE A 56 -18.08 22.40 -12.72
N SER A 57 -18.54 21.39 -13.45
CA SER A 57 -17.77 20.84 -14.56
C SER A 57 -17.50 21.89 -15.64
N SER A 58 -18.55 22.59 -16.06
CA SER A 58 -18.40 23.60 -17.11
C SER A 58 -17.44 24.70 -16.68
N SER A 59 -17.46 25.04 -15.40
CA SER A 59 -16.59 26.09 -14.88
C SER A 59 -15.15 25.60 -14.79
N LEU A 60 -14.98 24.30 -14.62
CA LEU A 60 -13.65 23.72 -14.46
C LEU A 60 -13.24 22.87 -15.67
N TYR A 61 -13.20 23.51 -16.83
CA TYR A 61 -12.59 22.93 -18.02
C TYR A 61 -13.23 21.61 -18.45
N ASP A 62 -14.53 21.48 -18.20
CA ASP A 62 -15.35 20.36 -18.66
C ASP A 62 -15.07 19.02 -17.99
N ILE A 63 -14.12 19.00 -17.06
CA ILE A 63 -13.73 17.78 -16.36
C ILE A 63 -14.90 17.11 -15.61
N GLU A 64 -14.98 15.82 -15.69
CA GLU A 64 -16.03 15.15 -14.97
C GLU A 64 -15.52 14.76 -13.62
N PRO A 65 -16.37 14.90 -12.63
CA PRO A 65 -15.94 14.64 -11.26
C PRO A 65 -15.67 13.17 -11.04
N GLU A 66 -14.83 12.88 -10.06
CA GLU A 66 -14.55 11.52 -9.63
C GLU A 66 -15.22 11.35 -8.28
N PHE A 67 -16.26 10.52 -8.24
CA PHE A 67 -17.02 10.31 -7.03
C PHE A 67 -16.44 9.17 -6.22
N VAL A 68 -16.14 9.44 -4.96
CA VAL A 68 -15.59 8.43 -4.07
C VAL A 68 -16.09 8.58 -2.63
N ASP A 69 -16.35 7.43 -2.01
CA ASP A 69 -16.82 7.36 -0.64
C ASP A 69 -15.62 7.01 0.23
N SER A 70 -15.40 7.79 1.28
CA SER A 70 -14.23 7.60 2.12
C SER A 70 -14.33 6.35 2.99
N LYS A 71 -15.39 5.61 2.82
CA LYS A 71 -15.56 4.41 3.56
C LYS A 71 -14.63 3.37 3.09
N TYR A 72 -14.04 3.62 1.95
CA TYR A 72 -13.03 2.75 1.40
C TYR A 72 -11.64 3.13 1.90
N PHE A 73 -11.58 4.13 2.78
CA PHE A 73 -10.31 4.59 3.31
C PHE A 73 -10.27 4.64 4.83
N CYS A 74 -11.44 4.57 5.45
CA CYS A 74 -11.53 4.64 6.91
C CYS A 74 -12.86 4.07 7.35
N ALA A 75 -13.14 4.16 8.65
CA ALA A 75 -14.33 3.55 9.22
C ALA A 75 -15.54 4.49 9.19
N ALA A 76 -15.47 5.60 8.51
CA ALA A 76 -16.58 6.50 8.39
C ALA A 76 -16.83 6.91 6.95
N ALA A 77 -18.08 6.89 6.55
CA ALA A 77 -18.46 7.27 5.21
C ALA A 77 -18.34 8.75 4.90
N ARG A 78 -17.86 9.06 3.71
CA ARG A 78 -17.90 10.40 3.24
C ARG A 78 -17.95 10.41 1.73
N LYS A 79 -19.00 10.98 1.18
CA LYS A 79 -19.28 10.93 -0.24
C LYS A 79 -18.99 12.20 -0.88
N ARG A 80 -18.06 12.19 -1.80
CA ARG A 80 -17.61 13.41 -2.36
C ARG A 80 -17.36 13.26 -3.84
N GLY A 81 -17.42 14.38 -4.51
CA GLY A 81 -17.01 14.50 -5.90
C GLY A 81 -15.76 15.36 -6.00
N TYR A 82 -14.74 14.83 -6.66
CA TYR A 82 -13.47 15.54 -6.82
C TYR A 82 -13.22 15.85 -8.30
N ILE A 83 -13.12 17.14 -8.62
CA ILE A 83 -12.75 17.56 -9.96
C ILE A 83 -11.27 17.85 -9.97
N HIS A 84 -10.51 17.16 -10.82
CA HIS A 84 -9.08 17.40 -10.86
C HIS A 84 -8.46 17.09 -12.23
N ASN A 85 -7.21 17.49 -12.42
CA ASN A 85 -6.47 17.22 -13.65
C ASN A 85 -5.20 16.42 -13.38
N LEU A 86 -5.24 15.60 -12.34
CA LEU A 86 -4.09 14.78 -11.96
C LEU A 86 -4.07 13.52 -12.79
N PRO A 87 -2.89 12.91 -12.94
CA PRO A 87 -2.83 11.55 -13.48
C PRO A 87 -3.57 10.61 -12.55
N VAL A 88 -4.14 9.55 -13.10
CA VAL A 88 -5.05 8.69 -12.37
C VAL A 88 -4.39 7.34 -12.08
N GLU A 89 -3.29 7.08 -12.77
CA GLU A 89 -2.60 5.80 -12.62
C GLU A 89 -1.40 5.90 -11.69
N ASN A 90 -0.99 4.75 -11.17
CA ASN A 90 0.12 4.65 -10.21
C ASN A 90 -0.17 5.38 -8.90
N ARG A 91 -1.40 5.27 -8.44
CA ARG A 91 -1.80 5.81 -7.15
C ARG A 91 -1.49 4.79 -6.08
N PHE A 92 -0.93 5.26 -4.96
CA PHE A 92 -0.69 4.39 -3.82
C PHE A 92 -1.29 5.00 -2.56
N PRO A 93 -1.76 4.16 -1.63
CA PRO A 93 -2.36 4.68 -0.39
C PRO A 93 -1.32 4.95 0.69
N LEU A 94 -1.72 5.73 1.69
CA LEU A 94 -0.93 5.96 2.88
C LEU A 94 -0.89 4.66 3.69
N PHE A 95 0.22 4.35 4.31
CA PHE A 95 0.32 3.10 5.02
C PHE A 95 0.77 3.29 6.46
N PRO A 96 0.24 2.52 7.41
CA PRO A 96 -0.74 1.45 7.19
C PRO A 96 -2.14 1.96 6.90
N LEU A 97 -2.93 1.14 6.23
CA LEU A 97 -4.31 1.50 5.95
C LEU A 97 -5.05 1.74 7.25
N ALA A 98 -5.96 2.70 7.22
CA ALA A 98 -6.76 3.01 8.40
C ALA A 98 -7.67 1.84 8.68
N PRO A 99 -7.98 1.60 9.96
CA PRO A 99 -9.00 0.61 10.33
C PRO A 99 -10.30 0.98 9.62
N ARG A 100 -11.01 -0.01 9.10
CA ARG A 100 -12.17 0.29 8.29
C ARG A 100 -13.49 -0.12 8.94
N THR A 101 -13.44 -0.70 10.13
CA THR A 101 -14.66 -0.94 10.88
C THR A 101 -14.63 -0.16 12.19
N ILE A 102 -15.82 0.18 12.68
CA ILE A 102 -15.97 0.84 13.97
C ILE A 102 -15.21 0.11 15.06
N HIS A 103 -15.35 -1.19 15.08
CA HIS A 103 -14.68 -1.99 16.05
C HIS A 103 -13.21 -1.97 15.95
N GLU A 104 -12.64 -1.94 14.76
CA GLU A 104 -11.21 -1.76 14.65
C GLU A 104 -10.73 -0.40 15.09
N ALA A 105 -11.43 0.64 14.66
CA ALA A 105 -11.06 2.00 14.99
C ALA A 105 -11.20 2.38 16.45
N LEU A 106 -12.24 1.90 17.06
CA LEU A 106 -12.56 2.23 18.40
C LEU A 106 -12.72 0.97 19.20
N PRO A 107 -11.61 0.44 19.65
CA PRO A 107 -11.52 -0.85 20.35
C PRO A 107 -12.39 -0.91 21.60
N LEU A 108 -12.46 0.19 22.35
CA LEU A 108 -13.27 0.22 23.56
C LEU A 108 -14.77 0.21 23.28
N SER A 109 -15.11 0.36 22.02
CA SER A 109 -16.49 0.39 21.67
C SER A 109 -17.06 -0.94 21.37
N LYS A 110 -16.18 -1.88 21.10
CA LYS A 110 -16.56 -3.23 20.73
C LYS A 110 -17.18 -4.05 21.86
N LYS A 111 -16.66 -3.95 23.04
CA LYS A 111 -17.14 -4.75 24.13
C LYS A 111 -18.56 -4.47 24.56
N TRP A 112 -19.03 -3.27 24.29
CA TRP A 112 -20.40 -2.90 24.66
C TRP A 112 -21.32 -2.75 23.46
N TRP A 113 -20.84 -3.15 22.28
CA TRP A 113 -21.66 -3.08 21.08
C TRP A 113 -22.70 -4.21 21.09
N PRO A 114 -23.98 -3.84 21.11
CA PRO A 114 -25.05 -4.86 21.13
C PRO A 114 -25.07 -5.63 19.81
N SER A 115 -25.38 -6.92 19.88
CA SER A 115 -25.46 -7.75 18.68
C SER A 115 -26.51 -7.24 17.69
N TRP A 116 -27.50 -6.52 18.20
CA TRP A 116 -28.59 -6.02 17.35
C TRP A 116 -28.27 -4.68 16.68
N ASP A 117 -27.08 -4.14 16.96
CA ASP A 117 -26.62 -2.95 16.25
C ASP A 117 -25.67 -3.42 15.15
N PRO A 118 -26.15 -3.42 13.90
CA PRO A 118 -25.43 -4.04 12.78
C PRO A 118 -24.34 -3.15 12.18
N ARG A 119 -24.29 -1.88 12.60
CA ARG A 119 -23.31 -0.95 12.03
C ARG A 119 -21.88 -1.43 12.20
N THR A 120 -21.10 -1.32 11.13
CA THR A 120 -19.65 -1.54 11.20
C THR A 120 -18.98 -0.31 10.59
N LYS A 121 -19.81 0.62 10.15
CA LYS A 121 -19.35 1.81 9.48
C LYS A 121 -20.15 2.99 10.00
N LEU A 122 -19.48 4.10 10.26
CA LEU A 122 -20.16 5.32 10.68
C LEU A 122 -20.65 6.10 9.47
N ASN A 123 -21.64 6.96 9.68
CA ASN A 123 -22.11 7.87 8.65
C ASN A 123 -21.16 9.05 8.48
N CYS A 124 -21.48 9.97 7.56
CA CYS A 124 -20.66 11.15 7.34
C CYS A 124 -20.46 11.91 8.64
N LEU A 125 -19.22 12.28 8.93
CA LEU A 125 -18.92 12.99 10.17
C LEU A 125 -19.32 14.45 10.05
N GLN A 126 -20.21 14.93 10.92
CA GLN A 126 -20.66 16.31 10.84
C GLN A 126 -20.27 17.17 12.05
N THR A 127 -20.70 18.43 12.01
CA THR A 127 -20.26 19.43 12.98
C THR A 127 -21.00 19.35 14.32
N ALA A 128 -22.28 19.00 14.27
CA ALA A 128 -23.11 19.00 15.47
C ALA A 128 -23.03 17.66 16.19
N ILE A 129 -23.07 17.69 17.52
CA ILE A 129 -23.01 16.46 18.29
C ILE A 129 -24.27 16.15 19.09
N GLY A 130 -24.49 14.86 19.33
CA GLY A 130 -25.61 14.41 20.13
C GLY A 130 -25.57 14.98 21.53
N SER A 131 -26.66 15.60 21.93
CA SER A 131 -26.77 16.18 23.25
C SER A 131 -26.90 15.09 24.30
N ALA A 132 -26.69 15.49 25.56
CA ALA A 132 -26.84 14.58 26.69
C ALA A 132 -28.28 14.11 26.82
N GLN A 133 -29.20 14.98 26.43
CA GLN A 133 -30.63 14.68 26.48
C GLN A 133 -30.96 13.46 25.64
N LEU A 134 -30.46 13.44 24.41
CA LEU A 134 -30.69 12.33 23.51
C LEU A 134 -30.09 11.01 24.01
N THR A 135 -28.84 11.03 24.46
CA THR A 135 -28.20 9.81 24.94
C THR A 135 -28.88 9.32 26.22
N ASN A 136 -29.48 10.26 26.95
CA ASN A 136 -30.33 9.91 28.07
C ASN A 136 -31.58 9.18 27.61
N ARG A 137 -32.25 9.73 26.60
CA ARG A 137 -33.43 9.07 26.03
C ARG A 137 -33.08 7.65 25.59
N ILE A 138 -31.91 7.48 24.98
CA ILE A 138 -31.49 6.17 24.49
C ILE A 138 -31.21 5.20 25.65
N ARG A 139 -30.48 5.71 26.64
CA ARG A 139 -30.28 4.98 27.89
C ARG A 139 -31.60 4.45 28.46
N LYS A 140 -32.58 5.32 28.64
CA LYS A 140 -33.85 4.91 29.24
C LYS A 140 -34.63 3.96 28.35
N ALA A 141 -34.55 4.17 27.04
CA ALA A 141 -35.21 3.29 26.08
C ALA A 141 -34.67 1.84 26.12
N VAL A 142 -33.37 1.67 26.35
CA VAL A 142 -32.79 0.32 26.39
C VAL A 142 -32.59 -0.28 27.79
N GLU A 143 -32.61 0.56 28.81
CA GLU A 143 -32.36 0.17 30.17
C GLU A 143 -33.33 -0.84 30.76
N ASP A 144 -34.59 -0.75 30.38
CA ASP A 144 -35.64 -1.59 30.98
C ASP A 144 -35.44 -3.08 30.70
N PHE A 145 -34.97 -3.38 29.50
CA PHE A 145 -34.79 -4.75 29.07
C PHE A 145 -33.34 -5.15 29.30
N ASP A 146 -33.10 -6.36 29.71
CA ASP A 146 -31.75 -6.84 29.74
C ASP A 146 -31.52 -7.60 28.48
N GLY A 147 -31.69 -6.88 27.37
CA GLY A 147 -31.35 -7.33 26.03
C GLY A 147 -32.06 -8.61 25.61
N GLU A 148 -32.75 -8.54 24.48
CA GLU A 148 -32.73 -7.41 23.58
C GLU A 148 -33.98 -6.59 23.73
N PRO A 149 -33.97 -5.35 23.28
CA PRO A 149 -35.17 -4.53 23.34
C PRO A 149 -36.13 -4.84 22.19
N PRO A 150 -37.41 -4.48 22.35
CA PRO A 150 -38.39 -4.65 21.29
C PRO A 150 -37.90 -4.05 19.98
N MET A 151 -38.38 -4.60 18.87
CA MET A 151 -37.96 -4.16 17.55
C MET A 151 -38.16 -2.66 17.30
N ARG A 152 -39.28 -2.12 17.76
CA ARG A 152 -39.57 -0.71 17.48
C ARG A 152 -38.63 0.22 18.23
N VAL A 153 -38.25 -0.17 19.44
CA VAL A 153 -37.25 0.62 20.15
C VAL A 153 -35.87 0.43 19.53
N GLN A 154 -35.56 -0.80 19.12
CA GLN A 154 -34.32 -1.04 18.37
C GLN A 154 -34.23 -0.10 17.17
N LYS A 155 -35.35 0.05 16.46
CA LYS A 155 -35.39 0.93 15.32
C LYS A 155 -35.21 2.39 15.72
N PHE A 156 -35.91 2.79 16.78
CA PHE A 156 -35.77 4.16 17.28
C PHE A 156 -34.29 4.50 17.63
N VAL A 157 -33.64 3.67 18.44
CA VAL A 157 -32.25 3.97 18.81
C VAL A 157 -31.28 3.83 17.64
N LEU A 158 -31.52 2.88 16.74
CA LEU A 158 -30.64 2.75 15.59
C LEU A 158 -30.75 3.96 14.67
N ASP A 159 -31.94 4.50 14.55
CA ASP A 159 -32.12 5.69 13.76
C ASP A 159 -31.44 6.87 14.38
N GLN A 160 -31.59 7.06 15.67
CA GLN A 160 -30.89 8.12 16.34
C GLN A 160 -29.37 8.00 16.28
N CYS A 161 -28.85 6.80 16.42
CA CYS A 161 -27.43 6.55 16.35
C CYS A 161 -26.81 6.80 15.00
N ARG A 162 -27.48 6.41 13.95
CA ARG A 162 -27.05 6.72 12.62
C ARG A 162 -27.06 8.17 12.33
N LYS A 163 -28.11 8.84 12.75
CA LYS A 163 -28.27 10.23 12.52
C LYS A 163 -27.22 11.04 13.21
N TRP A 164 -26.84 10.63 14.38
CA TRP A 164 -25.91 11.43 15.17
C TRP A 164 -24.54 10.80 15.34
N ASN A 165 -24.31 9.66 14.69
CA ASN A 165 -23.05 8.93 14.82
C ASN A 165 -22.71 8.63 16.28
N LEU A 166 -23.66 8.03 16.98
CA LEU A 166 -23.45 7.65 18.37
C LEU A 166 -22.82 6.26 18.43
N VAL A 167 -21.89 6.08 19.36
CA VAL A 167 -21.20 4.82 19.50
C VAL A 167 -21.39 4.30 20.92
N TRP A 168 -21.39 2.98 21.08
CA TRP A 168 -21.57 2.38 22.40
C TRP A 168 -20.28 2.43 23.19
N VAL A 169 -20.36 2.92 24.44
CA VAL A 169 -19.18 3.03 25.29
C VAL A 169 -19.36 2.32 26.62
N GLY A 170 -20.56 1.80 26.83
CA GLY A 170 -20.85 1.02 28.02
C GLY A 170 -22.21 0.40 27.82
N ARG A 171 -22.62 -0.46 28.75
CA ARG A 171 -23.96 -1.04 28.67
C ARG A 171 -24.99 0.05 28.95
N ASN A 172 -25.97 0.16 28.06
CA ASN A 172 -26.97 1.23 28.08
C ASN A 172 -26.42 2.63 27.81
N LYS A 173 -25.13 2.72 27.45
CA LYS A 173 -24.52 4.03 27.24
C LYS A 173 -23.99 4.24 25.82
N VAL A 174 -24.65 5.11 25.07
CA VAL A 174 -24.09 5.59 23.82
C VAL A 174 -23.56 6.98 24.03
N ALA A 175 -22.64 7.38 23.16
CA ALA A 175 -21.99 8.67 23.27
C ALA A 175 -21.67 9.20 21.89
N PRO A 176 -21.66 10.53 21.74
CA PRO A 176 -21.10 11.06 20.50
C PRO A 176 -19.59 10.81 20.47
N LEU A 177 -19.00 10.82 19.28
CA LEU A 177 -17.56 10.73 19.16
C LEU A 177 -16.88 11.90 19.86
N GLU A 178 -15.79 11.63 20.58
CA GLU A 178 -14.97 12.70 21.13
C GLU A 178 -14.01 13.17 20.03
N PRO A 179 -13.56 14.43 20.10
CA PRO A 179 -12.71 15.02 19.07
C PRO A 179 -11.46 14.21 18.66
N ASP A 180 -10.78 13.53 19.59
CA ASP A 180 -9.62 12.73 19.19
C ASP A 180 -10.01 11.57 18.25
N GLU A 181 -11.18 10.98 18.50
CA GLU A 181 -11.71 9.92 17.65
C GLU A 181 -12.00 10.44 16.25
N VAL A 182 -12.63 11.61 16.17
CA VAL A 182 -12.91 12.25 14.89
C VAL A 182 -11.59 12.57 14.15
N GLU A 183 -10.64 13.12 14.89
CA GLU A 183 -9.32 13.43 14.34
C GLU A 183 -8.70 12.20 13.69
N MET A 184 -8.76 11.08 14.38
CA MET A 184 -8.14 9.90 13.81
C MET A 184 -8.95 9.33 12.65
N LEU A 185 -10.28 9.44 12.72
CA LEU A 185 -11.11 8.96 11.62
C LEU A 185 -10.83 9.74 10.32
N LEU A 186 -10.52 11.02 10.46
CA LEU A 186 -10.22 11.86 9.30
C LEU A 186 -8.76 11.80 8.83
N GLY A 187 -7.90 11.12 9.60
CA GLY A 187 -6.51 10.97 9.21
C GLY A 187 -5.58 12.06 9.74
N PHE A 188 -6.05 12.80 10.73
CA PHE A 188 -5.23 13.85 11.33
C PHE A 188 -4.43 13.33 12.50
N PRO A 189 -3.25 13.92 12.75
CA PRO A 189 -2.48 13.51 13.91
C PRO A 189 -3.23 13.88 15.19
N LYS A 190 -3.03 13.11 16.24
CA LYS A 190 -3.75 13.36 17.49
C LYS A 190 -3.34 14.68 18.11
N ASN A 191 -4.36 15.41 18.58
CA ASN A 191 -4.23 16.74 19.20
C ASN A 191 -4.03 17.85 18.17
N HIS A 192 -4.22 17.50 16.90
CA HIS A 192 -4.11 18.46 15.80
C HIS A 192 -4.95 19.70 16.04
N THR A 193 -6.13 19.51 16.61
CA THR A 193 -7.07 20.60 16.81
C THR A 193 -7.25 20.94 18.28
N ARG A 194 -6.45 20.33 19.15
CA ARG A 194 -6.61 20.52 20.58
C ARG A 194 -5.82 21.73 21.10
N GLY A 195 -6.36 22.42 22.10
CA GLY A 195 -5.69 23.54 22.73
C GLY A 195 -5.47 24.77 21.87
N GLY A 196 -4.83 25.78 22.44
CA GLY A 196 -4.41 26.96 21.71
C GLY A 196 -5.51 27.94 21.35
N GLY A 197 -6.61 27.93 22.10
CA GLY A 197 -7.66 28.91 21.91
C GLY A 197 -8.89 28.48 21.12
N ILE A 198 -8.98 27.20 20.77
CA ILE A 198 -10.16 26.71 20.06
C ILE A 198 -11.10 25.99 21.02
N SER A 199 -12.40 26.24 20.90
CA SER A 199 -13.36 25.56 21.75
C SER A 199 -13.70 24.18 21.21
N ARG A 200 -14.33 23.40 22.06
CA ARG A 200 -14.76 22.04 21.73
C ARG A 200 -15.72 22.03 20.53
N THR A 201 -16.75 22.87 20.58
CA THR A 201 -17.74 22.91 19.50
C THR A 201 -17.09 23.36 18.19
N ASP A 202 -16.12 24.24 18.29
CA ASP A 202 -15.35 24.66 17.11
C ASP A 202 -14.40 23.56 16.63
N ARG A 203 -13.91 22.73 17.55
CA ARG A 203 -13.13 21.57 17.15
C ARG A 203 -14.01 20.73 16.23
N TYR A 204 -15.23 20.46 16.67
CA TYR A 204 -16.17 19.68 15.85
C TYR A 204 -16.51 20.36 14.54
N LYS A 205 -16.65 21.65 14.53
CA LYS A 205 -16.95 22.33 13.33
C LYS A 205 -15.81 22.31 12.33
N SER A 206 -14.61 22.48 12.79
CA SER A 206 -13.45 22.45 11.90
C SER A 206 -13.15 21.03 11.38
N LEU A 207 -13.36 20.03 12.22
CA LEU A 207 -13.15 18.65 11.80
C LEU A 207 -14.25 18.21 10.83
N GLY A 208 -15.49 18.49 11.20
CA GLY A 208 -16.65 18.12 10.40
C GLY A 208 -16.62 18.64 8.98
N ASN A 209 -15.90 19.73 8.77
CA ASN A 209 -15.82 20.35 7.45
C ASN A 209 -14.58 19.98 6.66
N SER A 210 -13.72 19.13 7.21
CA SER A 210 -12.40 18.89 6.64
C SER A 210 -12.35 17.82 5.55
N PHE A 211 -11.17 17.64 4.95
CA PHE A 211 -10.91 16.52 4.04
C PHE A 211 -10.80 15.25 4.87
N GLN A 212 -11.09 14.11 4.26
CA GLN A 212 -10.61 12.86 4.82
C GLN A 212 -9.22 12.67 4.24
N VAL A 213 -8.21 12.71 5.11
CA VAL A 213 -6.81 12.76 4.66
C VAL A 213 -6.32 11.55 3.85
N ASP A 214 -6.75 10.34 4.19
CA ASP A 214 -6.29 9.13 3.49
C ASP A 214 -6.77 9.12 2.03
N THR A 215 -8.00 9.58 1.83
CA THR A 215 -8.62 9.65 0.51
C THR A 215 -7.85 10.63 -0.40
N VAL A 216 -7.75 11.86 0.10
CA VAL A 216 -7.05 12.92 -0.62
C VAL A 216 -5.61 12.51 -0.91
N ALA A 217 -4.95 11.89 0.06
CA ALA A 217 -3.56 11.49 -0.12
C ALA A 217 -3.46 10.41 -1.19
N TYR A 218 -4.44 9.52 -1.23
CA TYR A 218 -4.49 8.52 -2.28
C TYR A 218 -4.52 9.20 -3.64
N HIS A 219 -5.30 10.27 -3.77
CA HIS A 219 -5.30 10.99 -5.04
C HIS A 219 -4.01 11.77 -5.35
N LEU A 220 -3.44 12.42 -4.33
CA LEU A 220 -2.27 13.27 -4.52
C LEU A 220 -0.97 12.48 -4.62
N SER A 221 -1.03 11.18 -4.32
CA SER A 221 0.19 10.38 -4.24
C SER A 221 0.98 10.37 -5.55
N VAL A 222 0.27 10.55 -6.67
CA VAL A 222 0.89 10.63 -7.99
C VAL A 222 1.85 11.81 -8.11
N LEU A 223 1.79 12.74 -7.17
CA LEU A 223 2.62 13.94 -7.22
C LEU A 223 4.02 13.71 -6.67
N LYS A 224 4.20 12.64 -5.90
CA LYS A 224 5.46 12.41 -5.20
C LYS A 224 6.66 12.29 -6.14
N ASP A 225 6.50 11.61 -7.24
CA ASP A 225 7.63 11.46 -8.12
C ASP A 225 7.87 12.74 -8.88
N LEU A 226 6.81 13.47 -9.13
CA LEU A 226 6.91 14.66 -9.97
C LEU A 226 7.68 15.81 -9.32
N PHE A 227 7.65 15.92 -8.00
CA PHE A 227 8.20 17.10 -7.34
C PHE A 227 9.19 16.83 -6.21
N PRO A 228 10.39 16.33 -6.58
CA PRO A 228 11.45 16.04 -5.61
C PRO A 228 12.10 17.32 -5.04
N GLY A 229 11.95 18.41 -5.75
CA GLY A 229 12.43 19.69 -5.30
C GLY A 229 11.55 20.25 -4.22
N GLY A 230 10.39 19.65 -4.07
CA GLY A 230 9.39 20.20 -3.20
C GLY A 230 8.34 20.87 -4.01
N ILE A 231 7.23 21.07 -3.40
CA ILE A 231 6.06 21.51 -4.10
C ILE A 231 5.59 22.85 -3.58
N ASN A 232 5.04 23.67 -4.46
CA ASN A 232 4.47 24.95 -4.12
C ASN A 232 2.98 24.83 -4.20
N VAL A 233 2.26 25.18 -3.15
CA VAL A 233 0.84 24.88 -3.10
C VAL A 233 0.01 26.14 -2.83
N LEU A 234 -1.01 26.35 -3.66
CA LEU A 234 -2.02 27.33 -3.34
C LEU A 234 -3.19 26.58 -2.71
N SER A 235 -3.33 26.68 -1.39
CA SER A 235 -4.39 26.00 -0.68
C SER A 235 -5.52 26.98 -0.34
N LEU A 236 -6.65 26.81 -1.02
CA LEU A 236 -7.77 27.73 -0.86
C LEU A 236 -8.82 27.12 0.04
N PHE A 237 -9.38 27.94 0.94
CA PHE A 237 -10.31 27.47 1.95
C PHE A 237 -9.70 26.28 2.68
N SER A 238 -8.51 26.48 3.23
CA SER A 238 -7.66 25.36 3.65
C SER A 238 -8.04 24.73 4.98
N GLY A 239 -8.85 25.43 5.77
CA GLY A 239 -9.34 24.92 7.04
C GLY A 239 -8.25 24.53 8.03
N ILE A 240 -8.29 23.27 8.44
CA ILE A 240 -7.26 22.74 9.35
C ILE A 240 -6.15 22.03 8.58
N GLY A 241 -6.08 22.29 7.28
CA GLY A 241 -4.96 21.85 6.47
C GLY A 241 -4.94 20.39 6.08
N GLY A 242 -6.09 19.86 5.68
CA GLY A 242 -6.17 18.49 5.19
C GLY A 242 -5.22 18.19 4.04
N GLY A 243 -5.19 19.10 3.06
CA GLY A 243 -4.31 18.94 1.91
C GLY A 243 -2.85 18.87 2.29
N GLU A 244 -2.40 19.83 3.10
CA GLU A 244 -1.02 19.92 3.52
C GLU A 244 -0.60 18.68 4.31
N VAL A 245 -1.51 18.17 5.13
CA VAL A 245 -1.24 16.97 5.92
C VAL A 245 -1.17 15.75 5.01
N ALA A 246 -2.01 15.72 3.98
CA ALA A 246 -1.94 14.65 3.00
C ALA A 246 -0.59 14.64 2.28
N LEU A 247 -0.16 15.79 1.76
CA LEU A 247 1.13 15.90 1.11
C LEU A 247 2.26 15.53 2.05
N TYR A 248 2.14 15.94 3.30
CA TYR A 248 3.18 15.65 4.28
C TYR A 248 3.29 14.16 4.59
N ARG A 249 2.14 13.50 4.72
CA ARG A 249 2.16 12.08 5.03
C ARG A 249 2.64 11.27 3.84
N LEU A 250 2.52 11.86 2.65
CA LEU A 250 2.96 11.24 1.42
C LEU A 250 4.47 11.35 1.28
N GLY A 251 5.08 12.17 2.13
CA GLY A 251 6.51 12.39 2.07
C GLY A 251 6.89 13.34 0.94
N ILE A 252 5.90 14.09 0.47
CA ILE A 252 6.15 15.12 -0.54
C ILE A 252 6.59 16.40 0.14
N PRO A 253 7.77 16.87 -0.13
CA PRO A 253 8.26 18.02 0.57
C PRO A 253 7.47 19.25 0.21
N LEU A 254 7.28 20.12 1.17
CA LEU A 254 6.57 21.34 0.93
C LEU A 254 7.52 22.50 0.89
N ASN A 255 7.57 23.18 -0.24
CA ASN A 255 8.43 24.32 -0.34
C ASN A 255 7.73 25.61 -0.08
N THR A 256 6.64 25.86 -0.73
CA THR A 256 5.96 27.01 -0.32
C THR A 256 4.47 26.69 -0.31
N VAL A 257 3.75 27.07 0.74
CA VAL A 257 2.31 26.96 0.79
C VAL A 257 1.62 28.29 1.03
N VAL A 258 0.72 28.65 0.14
CA VAL A 258 -0.12 29.82 0.33
C VAL A 258 -1.50 29.35 0.74
N SER A 259 -1.90 29.70 1.95
CA SER A 259 -3.10 29.17 2.54
C SER A 259 -4.08 30.29 2.79
N VAL A 260 -5.27 30.14 2.23
CA VAL A 260 -6.29 31.15 2.36
C VAL A 260 -7.40 30.59 3.22
N GLU A 261 -7.58 31.20 4.39
CA GLU A 261 -8.47 30.64 5.40
C GLU A 261 -9.06 31.75 6.26
N LYS A 262 -10.39 31.82 6.29
CA LYS A 262 -11.10 32.89 6.98
C LYS A 262 -11.02 32.79 8.51
N SER A 263 -11.00 31.58 9.03
CA SER A 263 -11.03 31.35 10.47
C SER A 263 -9.64 31.44 11.11
N GLU A 264 -9.51 32.29 12.13
CA GLU A 264 -8.24 32.47 12.83
C GLU A 264 -7.87 31.22 13.62
N VAL A 265 -8.89 30.56 14.16
CA VAL A 265 -8.71 29.30 14.87
C VAL A 265 -8.09 28.22 13.95
N ASN A 266 -8.60 28.12 12.72
CA ASN A 266 -8.04 27.21 11.73
C ASN A 266 -6.60 27.58 11.33
N ARG A 267 -6.37 28.85 11.05
CA ARG A 267 -5.05 29.36 10.71
C ARG A 267 -4.02 29.02 11.79
N ASP A 268 -4.38 29.28 13.05
CA ASP A 268 -3.53 28.96 14.17
C ASP A 268 -3.25 27.46 14.31
N ILE A 269 -4.27 26.65 14.03
CA ILE A 269 -4.09 25.21 14.06
C ILE A 269 -3.02 24.78 13.05
N VAL A 270 -3.13 25.36 11.85
CA VAL A 270 -2.22 25.00 10.77
C VAL A 270 -0.80 25.51 11.03
N ARG A 271 -0.70 26.71 11.59
CA ARG A 271 0.59 27.29 11.96
C ARG A 271 1.30 26.43 13.01
N SER A 272 0.55 26.07 14.05
CA SER A 272 1.09 25.18 15.09
C SER A 272 1.60 23.89 14.47
N TRP A 273 0.80 23.30 13.59
CA TRP A 273 1.21 22.07 12.90
C TRP A 273 2.48 22.27 12.07
N TRP A 274 2.57 23.42 11.44
CA TRP A 274 3.66 23.72 10.57
C TRP A 274 4.94 23.76 11.33
N GLU A 275 4.92 24.37 12.48
CA GLU A 275 6.03 24.33 13.36
C GLU A 275 6.36 23.00 13.98
N GLN A 276 5.35 22.28 14.40
CA GLN A 276 5.50 21.05 15.09
C GLN A 276 6.12 19.99 14.23
N THR A 277 5.92 20.11 12.96
CA THR A 277 6.45 19.16 12.04
C THR A 277 7.72 19.68 11.46
N ASN A 278 8.20 20.79 11.99
CA ASN A 278 9.45 21.41 11.57
C ASN A 278 9.59 21.63 10.07
N GLN A 279 8.56 22.16 9.44
CA GLN A 279 8.63 22.48 8.03
C GLN A 279 9.71 23.54 7.79
N ARG A 280 10.63 23.27 6.90
CA ARG A 280 11.65 24.22 6.56
C ARG A 280 11.18 25.26 5.58
N GLY A 281 10.09 24.95 4.94
CA GLY A 281 9.47 25.76 3.93
C GLY A 281 8.64 26.87 4.48
N ASN A 282 8.06 27.64 3.60
CA ASN A 282 7.30 28.79 4.01
C ASN A 282 5.80 28.74 4.01
N LEU A 283 5.18 29.09 5.11
CA LEU A 283 3.75 29.07 5.17
C LEU A 283 3.21 30.48 5.15
N ILE A 284 2.37 30.81 4.21
CA ILE A 284 1.86 32.16 4.12
C ILE A 284 0.35 32.21 4.21
N HIS A 285 -0.17 32.95 5.17
CA HIS A 285 -1.62 33.00 5.37
C HIS A 285 -2.28 34.27 4.83
N PHE A 286 -3.43 34.08 4.19
CA PHE A 286 -4.31 35.19 3.82
C PHE A 286 -5.67 34.89 4.41
N ASN A 287 -6.39 35.94 4.77
CA ASN A 287 -7.67 35.77 5.45
C ASN A 287 -8.84 35.61 4.47
N ASP A 288 -8.81 36.35 3.37
CA ASP A 288 -9.92 36.32 2.44
C ASP A 288 -9.50 35.92 1.03
N VAL A 289 -10.29 35.05 0.43
CA VAL A 289 -10.06 34.61 -0.94
C VAL A 289 -10.27 35.76 -1.92
N GLN A 290 -10.88 36.82 -1.43
CA GLN A 290 -11.19 37.97 -2.25
C GLN A 290 -10.07 38.96 -2.27
N GLN A 291 -9.08 38.73 -1.45
CA GLN A 291 -7.91 39.60 -1.42
C GLN A 291 -6.77 39.05 -2.28
N LEU A 292 -7.03 37.94 -2.95
CA LEU A 292 -6.09 37.40 -3.93
C LEU A 292 -6.44 37.85 -5.34
N ASN A 293 -5.98 39.04 -5.72
CA ASN A 293 -6.16 39.54 -7.08
C ASN A 293 -5.06 39.07 -8.02
N GLY A 294 -5.15 39.46 -9.29
CA GLY A 294 -4.16 39.09 -10.27
C GLY A 294 -2.79 39.64 -9.93
N ASP A 295 -2.78 40.82 -9.33
CA ASP A 295 -1.54 41.47 -8.92
C ASP A 295 -0.85 40.69 -7.79
N ARG A 296 -1.63 40.34 -6.77
CA ARG A 296 -1.10 39.59 -5.64
C ARG A 296 -0.56 38.23 -6.07
N LEU A 297 -1.34 37.51 -6.87
CA LEU A 297 -0.91 36.24 -7.46
C LEU A 297 0.39 36.41 -8.25
N GLU A 298 0.44 37.41 -9.08
CA GLU A 298 1.64 37.74 -9.82
C GLU A 298 2.84 37.90 -8.94
N GLN A 299 2.68 38.53 -7.80
CA GLN A 299 3.86 38.82 -7.03
C GLN A 299 4.28 37.64 -6.23
N LEU A 300 3.29 36.88 -5.83
CA LEU A 300 3.55 35.61 -5.15
C LEU A 300 4.40 34.72 -6.06
N ILE A 301 3.98 34.62 -7.31
CA ILE A 301 4.66 33.74 -8.26
C ILE A 301 6.07 34.23 -8.61
N GLU A 302 6.22 35.53 -8.84
CA GLU A 302 7.54 36.04 -9.17
C GLU A 302 8.48 35.98 -7.97
N SER A 303 7.90 35.89 -6.77
CA SER A 303 8.71 35.78 -5.55
C SER A 303 9.11 34.33 -5.22
N PHE A 304 8.24 33.38 -5.52
CA PHE A 304 8.43 32.02 -5.07
C PHE A 304 8.46 30.99 -6.13
N GLY A 305 8.22 31.39 -7.36
CA GLY A 305 8.05 30.46 -8.44
C GLY A 305 6.58 30.14 -8.61
N GLY A 306 6.23 29.43 -9.68
CA GLY A 306 4.84 29.13 -9.95
C GLY A 306 4.26 28.12 -8.98
N PHE A 307 2.92 28.04 -8.96
CA PHE A 307 2.23 27.04 -8.13
C PHE A 307 2.12 25.69 -8.84
N ASP A 308 2.50 24.64 -8.14
CA ASP A 308 2.44 23.31 -8.71
C ASP A 308 1.05 22.73 -8.55
N LEU A 309 0.46 22.99 -7.39
CA LEU A 309 -0.87 22.48 -7.06
C LEU A 309 -1.73 23.57 -6.44
N VAL A 310 -2.94 23.73 -6.94
CA VAL A 310 -3.94 24.53 -6.23
C VAL A 310 -5.08 23.61 -5.81
N ILE A 311 -5.42 23.65 -4.54
CA ILE A 311 -6.36 22.72 -3.98
C ILE A 311 -7.32 23.45 -3.07
N GLY A 312 -8.60 23.14 -3.20
CA GLY A 312 -9.62 23.69 -2.38
C GLY A 312 -10.80 22.80 -2.14
N GLY A 313 -11.45 22.99 -1.02
CA GLY A 313 -12.52 22.14 -0.58
C GLY A 313 -13.82 22.88 -0.45
N SER A 314 -14.72 22.33 0.33
CA SER A 314 -16.13 22.56 0.22
C SER A 314 -16.56 23.86 0.84
N PRO A 315 -16.51 24.93 0.05
CA PRO A 315 -16.67 26.31 0.47
C PRO A 315 -18.11 26.67 0.78
N SER A 336 -20.57 31.42 -5.31
CA SER A 336 -19.74 32.63 -5.35
C SER A 336 -18.41 32.43 -4.70
N LEU A 337 -18.34 31.45 -3.82
CA LEU A 337 -17.05 31.12 -3.24
C LEU A 337 -16.38 30.08 -4.13
N PHE A 338 -17.20 29.23 -4.71
CA PHE A 338 -16.75 28.36 -5.79
C PHE A 338 -16.27 29.23 -6.93
N SER A 339 -16.91 30.37 -7.10
CA SER A 339 -16.54 31.25 -8.16
C SER A 339 -15.24 31.84 -7.85
N SER A 340 -15.01 32.10 -6.60
CA SER A 340 -13.72 32.60 -6.18
C SER A 340 -12.61 31.59 -6.49
N TYR A 341 -12.90 30.32 -6.21
CA TYR A 341 -11.94 29.27 -6.53
C TYR A 341 -11.61 29.27 -8.02
N VAL A 342 -12.65 29.31 -8.85
CA VAL A 342 -12.48 29.27 -10.29
C VAL A 342 -11.70 30.48 -10.81
N ARG A 343 -12.09 31.67 -10.36
CA ARG A 343 -11.43 32.92 -10.73
C ARG A 343 -9.94 32.82 -10.44
N ILE A 344 -9.62 32.36 -9.23
CA ILE A 344 -8.23 32.29 -8.80
C ILE A 344 -7.42 31.24 -9.57
N LEU A 345 -8.00 30.06 -9.75
CA LEU A 345 -7.34 29.01 -10.53
C LEU A 345 -7.04 29.53 -11.93
N ASP A 346 -8.01 30.20 -12.52
CA ASP A 346 -7.83 30.75 -13.86
C ASP A 346 -6.74 31.81 -13.91
N LEU A 347 -6.73 32.72 -12.93
CA LEU A 347 -5.66 33.70 -12.85
C LEU A 347 -4.28 33.03 -12.79
N VAL A 348 -4.15 32.00 -11.95
CA VAL A 348 -2.88 31.30 -11.77
C VAL A 348 -2.43 30.59 -13.07
N LYS A 349 -3.33 29.96 -13.76
CA LYS A 349 -2.96 29.26 -14.94
C LYS A 349 -2.61 30.21 -16.04
N SER A 350 -3.35 31.29 -16.11
CA SER A 350 -3.03 32.36 -17.06
C SER A 350 -1.60 32.84 -16.83
N ILE A 351 -1.35 33.33 -15.61
CA ILE A 351 -0.04 33.86 -15.24
C ILE A 351 1.11 32.91 -15.56
N MET A 352 0.92 31.63 -15.27
CA MET A 352 2.02 30.67 -15.42
C MET A 352 2.47 30.37 -16.85
N SER A 353 1.62 30.73 -17.82
CA SER A 353 1.99 30.62 -19.22
C SER A 353 2.23 31.97 -19.83
N ARG B 7 8.90 -28.16 14.59
CA ARG B 7 9.00 -26.71 14.63
C ARG B 7 7.88 -26.10 13.82
N LEU B 8 8.07 -24.84 13.46
CA LEU B 8 7.16 -24.17 12.53
C LEU B 8 5.78 -23.80 13.11
N PRO B 9 5.63 -22.56 13.52
CA PRO B 9 4.46 -21.91 14.10
C PRO B 9 3.14 -22.23 13.46
N LYS B 10 2.06 -21.96 14.15
CA LYS B 10 0.79 -22.51 13.75
C LYS B 10 0.29 -21.81 12.54
N PRO B 11 0.19 -20.49 12.59
CA PRO B 11 0.19 -19.82 11.30
C PRO B 11 1.60 -19.33 11.05
N MET B 12 2.25 -19.76 9.96
CA MET B 12 3.68 -19.44 9.83
C MET B 12 3.83 -18.05 9.32
N ILE B 13 3.60 -17.13 10.22
CA ILE B 13 3.27 -15.78 9.92
C ILE B 13 4.40 -14.87 10.23
N GLY B 14 5.49 -15.47 10.64
CA GLY B 14 6.68 -14.73 11.01
C GLY B 14 6.36 -13.79 12.13
N PHE B 15 6.78 -12.53 12.00
CA PHE B 15 6.48 -11.52 12.97
C PHE B 15 5.31 -10.71 12.49
N GLY B 16 4.44 -11.29 11.69
CA GLY B 16 3.23 -10.64 11.22
C GLY B 16 3.26 -10.38 9.72
N VAL B 17 2.11 -10.52 9.08
CA VAL B 17 1.98 -10.30 7.64
C VAL B 17 0.95 -9.19 7.41
N PRO B 18 0.85 -8.67 6.22
CA PRO B 18 -0.09 -7.60 6.02
C PRO B 18 -1.48 -8.03 6.46
N THR B 19 -2.08 -9.01 5.81
CA THR B 19 -3.47 -9.34 6.14
C THR B 19 -3.73 -9.93 7.52
N GLU B 20 -2.88 -10.82 8.02
CA GLU B 20 -3.17 -11.40 9.34
C GLU B 20 -2.59 -10.61 10.50
N ARG B 28 11.63 -8.51 19.16
CA ARG B 28 12.90 -9.14 19.45
C ARG B 28 14.01 -8.16 19.73
N THR B 29 15.11 -8.69 20.21
CA THR B 29 16.28 -7.87 20.46
C THR B 29 17.50 -8.67 20.01
N LEU B 30 18.56 -7.97 19.64
CA LEU B 30 19.74 -8.64 19.08
C LEU B 30 21.02 -8.11 19.72
N PRO B 31 22.09 -8.92 19.70
CA PRO B 31 23.38 -8.53 20.28
C PRO B 31 24.01 -7.31 19.63
N SER B 32 25.21 -6.96 20.08
CA SER B 32 25.89 -5.73 19.65
C SER B 32 26.18 -5.67 18.15
N GLN B 33 26.79 -6.73 17.63
CA GLN B 33 27.23 -6.77 16.24
C GLN B 33 26.07 -6.86 15.24
N ALA B 34 25.05 -7.63 15.59
CA ALA B 34 23.92 -7.88 14.70
C ALA B 34 23.04 -6.65 14.56
N VAL B 35 23.63 -5.51 14.21
CA VAL B 35 22.84 -4.32 13.91
C VAL B 35 23.51 -3.37 12.93
N GLY B 36 22.78 -2.29 12.63
CA GLY B 36 23.32 -1.17 11.88
C GLY B 36 23.99 -1.48 10.55
N PRO B 37 25.33 -1.46 10.53
CA PRO B 37 26.12 -1.63 9.31
C PRO B 37 26.94 -2.92 9.27
N PRO B 38 26.60 -3.85 8.36
CA PRO B 38 25.49 -3.69 7.42
C PRO B 38 24.24 -4.49 7.83
N PHE B 39 23.12 -4.19 7.24
CA PHE B 39 22.00 -5.05 7.38
C PHE B 39 22.22 -6.28 6.54
N PHE B 40 21.63 -7.38 6.96
CA PHE B 40 21.70 -8.61 6.18
C PHE B 40 20.37 -9.34 6.16
N TYR B 41 20.23 -10.25 5.21
CA TYR B 41 18.98 -10.96 4.98
C TYR B 41 19.32 -12.27 4.29
N TYR B 42 19.03 -13.38 4.95
CA TYR B 42 19.37 -14.70 4.44
C TYR B 42 18.15 -15.60 4.43
N GLU B 43 17.93 -16.28 3.31
CA GLU B 43 16.76 -17.13 3.16
C GLU B 43 17.16 -18.59 3.00
N ASN B 44 16.39 -19.48 3.61
CA ASN B 44 16.64 -20.91 3.52
C ASN B 44 15.32 -21.65 3.68
N VAL B 45 15.26 -22.90 3.22
CA VAL B 45 14.02 -23.69 3.33
C VAL B 45 13.64 -23.89 4.81
N ALA B 46 12.34 -23.85 5.08
CA ALA B 46 11.83 -23.94 6.46
C ALA B 46 11.92 -25.35 7.04
N LEU B 47 11.57 -26.36 6.26
CA LEU B 47 11.55 -27.72 6.79
C LEU B 47 12.94 -28.22 6.89
N ALA B 48 13.34 -28.59 8.08
CA ALA B 48 14.70 -28.92 8.33
C ALA B 48 14.93 -29.74 9.58
N PRO B 49 16.20 -29.99 9.81
CA PRO B 49 16.72 -30.59 11.04
C PRO B 49 17.19 -29.45 11.91
N LYS B 50 16.76 -29.45 13.17
CA LYS B 50 16.93 -28.29 13.99
C LYS B 50 18.39 -28.03 14.00
N GLY B 51 19.17 -29.06 13.81
CA GLY B 51 20.60 -28.87 13.84
C GLY B 51 20.97 -27.89 12.77
N VAL B 52 20.29 -27.97 11.64
CA VAL B 52 20.59 -27.06 10.55
C VAL B 52 20.33 -25.62 10.91
N TRP B 53 19.17 -25.37 11.46
CA TRP B 53 18.83 -24.06 11.85
C TRP B 53 19.70 -23.55 12.93
N ASP B 54 20.07 -24.38 13.87
CA ASP B 54 20.90 -23.91 14.96
C ASP B 54 22.29 -23.62 14.51
N THR B 55 22.73 -24.32 13.51
CA THR B 55 23.99 -23.98 12.85
C THR B 55 23.87 -22.60 12.20
N ILE B 56 22.72 -22.35 11.63
CA ILE B 56 22.54 -21.12 10.91
C ILE B 56 22.50 -19.99 11.87
N SER B 57 21.58 -20.07 12.82
CA SER B 57 21.44 -19.03 13.83
C SER B 57 22.80 -18.72 14.44
N SER B 58 23.41 -19.75 15.00
CA SER B 58 24.72 -19.62 15.66
C SER B 58 25.77 -18.95 14.78
N SER B 59 25.83 -19.35 13.51
CA SER B 59 26.79 -18.76 12.59
C SER B 59 26.48 -17.29 12.37
N LEU B 60 25.20 -16.97 12.41
CA LEU B 60 24.77 -15.66 12.08
C LEU B 60 24.37 -14.90 13.30
N TYR B 61 25.35 -14.59 14.12
CA TYR B 61 25.21 -13.69 15.27
C TYR B 61 24.06 -14.09 16.19
N ASP B 62 23.75 -15.36 16.19
CA ASP B 62 22.68 -15.91 16.99
C ASP B 62 21.33 -15.26 16.89
N ILE B 63 20.84 -15.07 15.69
CA ILE B 63 19.49 -14.55 15.50
C ILE B 63 18.45 -15.63 15.21
N GLU B 64 17.36 -15.61 15.91
CA GLU B 64 16.25 -16.44 15.56
C GLU B 64 15.84 -16.24 14.12
N PRO B 65 15.70 -17.35 13.36
CA PRO B 65 15.08 -17.16 12.06
C PRO B 65 13.61 -16.85 12.16
N GLU B 66 13.10 -16.12 11.18
CA GLU B 66 11.72 -15.75 11.05
C GLU B 66 11.15 -16.63 10.00
N PHE B 67 10.08 -17.32 10.32
CA PHE B 67 9.57 -18.28 9.39
C PHE B 67 8.29 -17.82 8.85
N VAL B 68 8.18 -17.79 7.55
CA VAL B 68 6.94 -17.37 6.91
C VAL B 68 6.63 -18.17 5.64
N ASP B 69 5.33 -18.39 5.39
CA ASP B 69 4.84 -19.01 4.18
C ASP B 69 4.41 -17.92 3.20
N SER B 70 4.88 -18.01 1.96
CA SER B 70 4.51 -17.05 0.91
C SER B 70 3.04 -17.16 0.50
N LYS B 71 2.32 -18.15 1.03
CA LYS B 71 0.90 -18.30 0.73
C LYS B 71 0.08 -17.09 1.20
N TYR B 72 0.68 -16.30 2.10
CA TYR B 72 0.04 -15.07 2.57
C TYR B 72 0.32 -13.87 1.68
N PHE B 73 1.10 -14.07 0.62
CA PHE B 73 1.49 -12.99 -0.27
C PHE B 73 1.09 -13.27 -1.72
N CYS B 74 0.78 -14.52 -2.01
CA CYS B 74 0.41 -14.92 -3.36
C CYS B 74 -0.38 -16.23 -3.34
N ALA B 75 -0.68 -16.75 -4.53
CA ALA B 75 -1.50 -17.95 -4.67
C ALA B 75 -0.66 -19.23 -4.65
N ALA B 76 0.58 -19.13 -4.24
CA ALA B 76 1.43 -20.30 -4.11
C ALA B 76 2.17 -20.41 -2.80
N ALA B 77 2.10 -21.56 -2.18
CA ALA B 77 2.80 -21.82 -0.93
C ALA B 77 4.29 -21.83 -1.02
N ARG B 78 4.95 -21.22 -0.08
CA ARG B 78 6.37 -21.30 -0.02
C ARG B 78 6.91 -21.07 1.40
N LYS B 79 7.46 -22.10 2.02
CA LYS B 79 7.80 -22.06 3.41
C LYS B 79 9.25 -21.79 3.62
N ARG B 80 9.55 -20.75 4.37
CA ARG B 80 10.91 -20.32 4.49
C ARG B 80 11.31 -19.82 5.85
N GLY B 81 12.59 -19.81 6.07
CA GLY B 81 13.18 -19.17 7.21
C GLY B 81 14.05 -18.05 6.72
N TYR B 82 13.93 -16.88 7.34
CA TYR B 82 14.73 -15.73 7.00
C TYR B 82 15.50 -15.26 8.23
N ILE B 83 16.80 -15.03 8.08
CA ILE B 83 17.60 -14.52 9.19
C ILE B 83 18.16 -13.15 8.85
N HIS B 84 17.87 -12.18 9.71
CA HIS B 84 18.18 -10.79 9.40
C HIS B 84 18.25 -9.93 10.65
N ASN B 85 18.91 -8.78 10.52
CA ASN B 85 18.98 -7.81 11.61
C ASN B 85 18.17 -6.57 11.28
N LEU B 86 17.20 -6.74 10.37
CA LEU B 86 16.38 -5.63 9.93
C LEU B 86 15.35 -5.27 10.99
N PRO B 87 14.95 -3.98 11.03
CA PRO B 87 13.82 -3.57 11.86
C PRO B 87 12.55 -4.26 11.40
N VAL B 88 11.77 -4.73 12.34
CA VAL B 88 10.54 -5.45 12.04
C VAL B 88 9.38 -4.47 12.01
N GLU B 89 9.61 -3.31 12.60
CA GLU B 89 8.59 -2.28 12.71
C GLU B 89 8.44 -1.46 11.43
N ASN B 90 7.20 -1.13 11.12
CA ASN B 90 6.85 -0.23 10.01
C ASN B 90 7.13 -0.85 8.65
N ARG B 91 6.86 -2.15 8.55
CA ARG B 91 6.87 -2.86 7.28
C ARG B 91 5.62 -2.47 6.50
N PHE B 92 5.73 -2.47 5.18
CA PHE B 92 4.57 -2.26 4.31
C PHE B 92 4.69 -3.14 3.07
N PRO B 93 3.58 -3.56 2.53
CA PRO B 93 3.50 -4.40 1.34
C PRO B 93 3.57 -3.71 -0.02
N LEU B 94 3.82 -4.52 -1.02
CA LEU B 94 3.68 -4.13 -2.38
C LEU B 94 2.22 -4.03 -2.71
N PHE B 95 1.88 -2.94 -3.36
CA PHE B 95 0.53 -2.62 -3.70
C PHE B 95 0.40 -2.56 -5.19
N PRO B 96 -0.60 -3.19 -5.74
CA PRO B 96 -1.61 -3.87 -4.97
C PRO B 96 -1.16 -5.22 -4.51
N LEU B 97 -1.87 -5.73 -3.54
CA LEU B 97 -1.65 -7.05 -3.06
C LEU B 97 -1.98 -8.05 -4.13
N ALA B 98 -1.13 -9.05 -4.23
CA ALA B 98 -1.26 -10.04 -5.25
C ALA B 98 -2.43 -10.92 -4.96
N PRO B 99 -3.01 -11.50 -5.99
CA PRO B 99 -4.14 -12.40 -5.82
C PRO B 99 -3.71 -13.62 -5.08
N ARG B 100 -4.54 -14.09 -4.19
CA ARG B 100 -4.16 -15.15 -3.26
C ARG B 100 -4.80 -16.49 -3.58
N THR B 101 -5.63 -16.53 -4.62
CA THR B 101 -6.31 -17.76 -5.02
C THR B 101 -5.88 -18.18 -6.43
N ILE B 102 -5.85 -19.49 -6.68
CA ILE B 102 -5.58 -20.03 -8.01
C ILE B 102 -6.50 -19.40 -9.04
N HIS B 103 -7.78 -19.26 -8.68
CA HIS B 103 -8.77 -18.71 -9.60
C HIS B 103 -8.64 -17.20 -9.79
N GLU B 104 -8.12 -16.51 -8.77
CA GLU B 104 -7.85 -15.09 -8.88
C GLU B 104 -6.59 -14.85 -9.71
N ALA B 105 -5.63 -15.76 -9.59
CA ALA B 105 -4.37 -15.63 -10.29
C ALA B 105 -4.49 -16.10 -11.73
N LEU B 106 -5.30 -17.13 -11.95
CA LEU B 106 -5.42 -17.75 -13.27
C LEU B 106 -6.88 -17.95 -13.70
N PRO B 107 -7.50 -16.91 -14.28
CA PRO B 107 -8.92 -16.92 -14.65
C PRO B 107 -9.33 -18.03 -15.64
N LEU B 108 -8.48 -18.31 -16.63
CA LEU B 108 -8.80 -19.35 -17.61
C LEU B 108 -8.84 -20.74 -16.98
N SER B 109 -8.34 -20.87 -15.76
CA SER B 109 -8.31 -22.16 -15.07
C SER B 109 -9.59 -22.39 -14.30
N LYS B 110 -10.26 -21.29 -13.93
CA LYS B 110 -11.45 -21.33 -13.10
C LYS B 110 -12.55 -22.18 -13.71
N LYS B 111 -12.81 -21.94 -14.99
CA LYS B 111 -13.95 -22.54 -15.67
C LYS B 111 -13.91 -24.07 -15.76
N TRP B 112 -12.72 -24.63 -15.85
CA TRP B 112 -12.59 -26.05 -15.98
C TRP B 112 -12.17 -26.80 -14.76
N TRP B 113 -12.04 -26.10 -13.66
CA TRP B 113 -11.74 -26.72 -12.42
C TRP B 113 -12.84 -27.61 -11.96
N PRO B 114 -12.51 -28.82 -11.57
CA PRO B 114 -13.51 -29.74 -11.09
C PRO B 114 -13.82 -29.50 -9.63
N SER B 115 -15.08 -29.59 -9.27
CA SER B 115 -15.44 -29.37 -7.88
C SER B 115 -14.75 -30.35 -6.93
N TRP B 116 -14.38 -31.51 -7.45
CA TRP B 116 -13.67 -32.49 -6.65
C TRP B 116 -12.17 -32.19 -6.48
N ASP B 117 -11.70 -31.11 -7.11
CA ASP B 117 -10.35 -30.61 -6.86
C ASP B 117 -10.45 -29.45 -5.87
N PRO B 118 -10.08 -29.70 -4.61
CA PRO B 118 -10.27 -28.72 -3.54
C PRO B 118 -9.22 -27.61 -3.54
N ARG B 119 -8.11 -27.81 -4.25
CA ARG B 119 -7.01 -26.86 -4.23
C ARG B 119 -7.46 -25.44 -4.55
N THR B 120 -7.04 -24.49 -3.71
CA THR B 120 -7.21 -23.08 -3.99
C THR B 120 -5.85 -22.40 -3.87
N LYS B 121 -4.87 -23.17 -3.43
CA LYS B 121 -3.48 -22.77 -3.50
C LYS B 121 -2.70 -23.82 -4.21
N LEU B 122 -1.60 -23.40 -4.82
CA LEU B 122 -0.63 -24.33 -5.40
C LEU B 122 0.40 -24.68 -4.34
N ASN B 123 1.15 -25.75 -4.57
CA ASN B 123 2.22 -26.12 -3.68
C ASN B 123 3.48 -25.35 -4.04
N CYS B 124 4.53 -25.55 -3.27
CA CYS B 124 5.80 -24.87 -3.51
C CYS B 124 6.20 -24.99 -4.98
N LEU B 125 6.52 -23.87 -5.60
CA LEU B 125 6.88 -23.85 -7.02
C LEU B 125 8.23 -24.51 -7.27
N GLN B 126 8.24 -25.49 -8.15
CA GLN B 126 9.39 -26.35 -8.31
C GLN B 126 10.11 -26.08 -9.61
N THR B 127 11.33 -26.59 -9.74
CA THR B 127 12.23 -26.26 -10.84
C THR B 127 11.99 -27.09 -12.09
N ALA B 128 11.09 -28.06 -12.01
CA ALA B 128 10.81 -28.92 -13.14
C ALA B 128 9.32 -29.14 -13.29
N ILE B 129 8.88 -29.49 -14.50
CA ILE B 129 7.46 -29.58 -14.77
C ILE B 129 7.00 -30.95 -15.21
N GLY B 130 5.73 -31.23 -14.97
CA GLY B 130 5.12 -32.49 -15.35
C GLY B 130 5.13 -32.72 -16.85
N SER B 131 5.46 -33.95 -17.24
CA SER B 131 5.56 -34.32 -18.64
C SER B 131 4.20 -34.50 -19.30
N ALA B 132 4.21 -34.62 -20.62
CA ALA B 132 2.99 -34.86 -21.38
C ALA B 132 2.46 -36.26 -21.12
N GLN B 133 3.36 -37.19 -20.80
CA GLN B 133 2.95 -38.55 -20.49
C GLN B 133 2.07 -38.57 -19.25
N LEU B 134 2.45 -37.77 -18.27
CA LEU B 134 1.67 -37.64 -17.04
C LEU B 134 0.29 -37.03 -17.31
N THR B 135 0.24 -35.87 -17.95
CA THR B 135 -1.03 -35.21 -18.21
C THR B 135 -1.94 -36.07 -19.10
N ASN B 136 -1.31 -36.84 -19.98
CA ASN B 136 -2.01 -37.84 -20.79
C ASN B 136 -2.62 -38.92 -19.92
N ARG B 137 -1.90 -39.41 -18.93
CA ARG B 137 -2.46 -40.41 -18.07
C ARG B 137 -3.59 -39.87 -17.28
N ILE B 138 -3.42 -38.67 -16.82
CA ILE B 138 -4.47 -38.00 -16.13
C ILE B 138 -5.69 -37.83 -16.99
N ARG B 139 -5.52 -37.56 -18.26
CA ARG B 139 -6.69 -37.46 -19.10
C ARG B 139 -7.44 -38.76 -19.31
N LYS B 140 -6.72 -39.83 -19.52
CA LYS B 140 -7.29 -41.15 -19.74
C LYS B 140 -8.01 -41.63 -18.50
N ALA B 141 -7.42 -41.36 -17.37
CA ALA B 141 -7.99 -41.74 -16.11
C ALA B 141 -9.30 -41.05 -15.82
N VAL B 142 -9.45 -39.78 -16.08
CA VAL B 142 -10.72 -39.18 -15.78
C VAL B 142 -11.58 -39.12 -17.00
N GLU B 143 -11.00 -39.45 -18.13
CA GLU B 143 -11.66 -39.21 -19.40
C GLU B 143 -13.01 -39.81 -19.35
N ASP B 144 -13.07 -41.01 -18.84
CA ASP B 144 -14.29 -41.78 -19.02
C ASP B 144 -15.31 -41.78 -17.87
N PHE B 145 -15.41 -40.70 -17.12
CA PHE B 145 -16.38 -40.61 -16.07
C PHE B 145 -17.17 -39.32 -16.14
N ASP B 146 -18.41 -39.38 -16.58
CA ASP B 146 -19.13 -38.18 -16.91
C ASP B 146 -19.19 -37.26 -15.71
N GLY B 147 -19.06 -37.83 -14.51
CA GLY B 147 -19.14 -37.10 -13.26
C GLY B 147 -17.85 -37.25 -12.47
N GLU B 148 -17.91 -37.06 -11.15
CA GLU B 148 -16.76 -37.25 -10.29
C GLU B 148 -16.29 -38.65 -10.47
N PRO B 149 -14.98 -38.82 -10.55
CA PRO B 149 -14.39 -40.13 -10.74
C PRO B 149 -14.40 -40.96 -9.48
N PRO B 150 -14.26 -42.26 -9.63
CA PRO B 150 -14.05 -43.11 -8.46
C PRO B 150 -12.88 -42.57 -7.64
N MET B 151 -12.99 -42.64 -6.32
CA MET B 151 -12.06 -41.96 -5.45
C MET B 151 -10.63 -42.39 -5.68
N ARG B 152 -10.43 -43.64 -6.05
CA ARG B 152 -9.12 -44.12 -6.41
C ARG B 152 -8.56 -43.12 -7.38
N VAL B 153 -9.14 -43.10 -8.55
CA VAL B 153 -8.81 -42.19 -9.65
C VAL B 153 -8.64 -40.76 -9.15
N GLN B 154 -9.58 -40.29 -8.33
CA GLN B 154 -9.50 -38.96 -7.74
C GLN B 154 -8.18 -38.72 -7.00
N LYS B 155 -7.92 -39.50 -5.96
CA LYS B 155 -6.75 -39.30 -5.11
C LYS B 155 -5.46 -39.44 -5.90
N PHE B 156 -5.46 -40.32 -6.88
CA PHE B 156 -4.31 -40.44 -7.78
C PHE B 156 -4.06 -39.14 -8.55
N VAL B 157 -5.12 -38.65 -9.19
CA VAL B 157 -5.04 -37.41 -9.95
C VAL B 157 -4.60 -36.23 -9.10
N LEU B 158 -5.22 -36.07 -7.93
CA LEU B 158 -4.89 -34.97 -7.03
C LEU B 158 -3.49 -35.09 -6.46
N ASP B 159 -3.04 -36.33 -6.28
CA ASP B 159 -1.66 -36.56 -5.84
C ASP B 159 -0.72 -36.03 -6.90
N GLN B 160 -0.90 -36.47 -8.14
CA GLN B 160 -0.03 -36.03 -9.22
C GLN B 160 -0.09 -34.51 -9.43
N CYS B 161 -1.28 -33.94 -9.26
CA CYS B 161 -1.47 -32.50 -9.42
C CYS B 161 -0.77 -31.69 -8.33
N ARG B 162 -0.77 -32.21 -7.12
CA ARG B 162 -0.16 -31.51 -6.01
C ARG B 162 1.30 -31.61 -6.11
N LYS B 163 1.74 -32.75 -6.55
CA LYS B 163 3.16 -33.00 -6.71
C LYS B 163 3.77 -32.17 -7.84
N TRP B 164 3.01 -31.99 -8.93
CA TRP B 164 3.56 -31.31 -10.10
C TRP B 164 2.97 -29.93 -10.36
N ASN B 165 2.13 -29.45 -9.44
CA ASN B 165 1.41 -28.18 -9.62
C ASN B 165 0.73 -28.09 -10.97
N LEU B 166 -0.05 -29.12 -11.28
CA LEU B 166 -0.81 -29.16 -12.51
C LEU B 166 -2.07 -28.33 -12.31
N VAL B 167 -2.51 -27.65 -13.37
CA VAL B 167 -3.73 -26.87 -13.30
C VAL B 167 -4.71 -27.29 -14.38
N TRP B 168 -6.00 -27.15 -14.09
CA TRP B 168 -7.04 -27.48 -15.06
C TRP B 168 -7.17 -26.41 -16.12
N VAL B 169 -7.06 -26.84 -17.37
CA VAL B 169 -6.91 -25.89 -18.46
C VAL B 169 -7.99 -26.15 -19.52
N GLY B 170 -8.72 -27.23 -19.31
CA GLY B 170 -9.79 -27.61 -20.21
C GLY B 170 -10.48 -28.87 -19.75
N ARG B 171 -11.38 -29.37 -20.55
CA ARG B 171 -12.12 -30.56 -20.21
C ARG B 171 -11.28 -31.80 -20.34
N ASN B 172 -10.99 -32.40 -19.19
CA ASN B 172 -10.06 -33.52 -19.10
C ASN B 172 -8.59 -33.12 -19.29
N LYS B 173 -8.32 -31.82 -19.26
CA LYS B 173 -6.97 -31.34 -19.53
C LYS B 173 -6.34 -30.62 -18.34
N VAL B 174 -5.34 -31.27 -17.73
CA VAL B 174 -4.44 -30.59 -16.81
C VAL B 174 -3.12 -30.28 -17.50
N ALA B 175 -2.47 -29.22 -17.07
CA ALA B 175 -1.23 -28.79 -17.69
C ALA B 175 -0.28 -28.22 -16.65
N PRO B 176 1.03 -28.40 -16.87
CA PRO B 176 2.02 -27.68 -16.08
C PRO B 176 1.79 -26.18 -16.19
N LEU B 177 2.23 -25.42 -15.19
CA LEU B 177 2.21 -23.97 -15.29
C LEU B 177 3.14 -23.56 -16.42
N GLU B 178 2.74 -22.56 -17.20
CA GLU B 178 3.63 -21.97 -18.20
C GLU B 178 4.51 -20.94 -17.50
N PRO B 179 5.70 -20.68 -18.06
CA PRO B 179 6.67 -19.79 -17.41
C PRO B 179 6.12 -18.41 -17.06
N ASP B 180 5.28 -17.83 -17.91
CA ASP B 180 4.74 -16.51 -17.62
C ASP B 180 3.87 -16.54 -16.35
N GLU B 181 3.08 -17.59 -16.18
CA GLU B 181 2.26 -17.75 -14.98
C GLU B 181 3.13 -17.90 -13.72
N VAL B 182 4.28 -18.56 -13.86
CA VAL B 182 5.21 -18.72 -12.76
C VAL B 182 5.88 -17.39 -12.39
N GLU B 183 6.32 -16.64 -13.39
CA GLU B 183 6.90 -15.33 -13.17
C GLU B 183 5.88 -14.47 -12.42
N MET B 184 4.64 -14.58 -12.85
CA MET B 184 3.55 -13.84 -12.23
C MET B 184 3.39 -14.25 -10.76
N LEU B 185 3.37 -15.55 -10.51
CA LEU B 185 3.16 -16.08 -9.17
C LEU B 185 4.29 -15.71 -8.20
N LEU B 186 5.48 -15.48 -8.75
CA LEU B 186 6.63 -15.11 -7.93
C LEU B 186 6.80 -13.59 -7.84
N GLY B 187 5.90 -12.85 -8.46
CA GLY B 187 5.96 -11.39 -8.42
C GLY B 187 7.01 -10.75 -9.32
N PHE B 188 7.45 -11.45 -10.36
CA PHE B 188 8.38 -10.87 -11.34
C PHE B 188 7.59 -10.25 -12.49
N PRO B 189 8.18 -9.23 -13.15
CA PRO B 189 7.46 -8.65 -14.29
C PRO B 189 7.37 -9.68 -15.42
N LYS B 190 6.34 -9.58 -16.22
CA LYS B 190 6.14 -10.52 -17.28
C LYS B 190 7.19 -10.51 -18.36
N ASN B 191 7.63 -11.71 -18.75
CA ASN B 191 8.74 -11.90 -19.69
C ASN B 191 10.12 -11.58 -19.11
N HIS B 192 10.20 -11.47 -17.78
CA HIS B 192 11.46 -11.28 -17.07
C HIS B 192 12.51 -12.31 -17.49
N THR B 193 12.09 -13.56 -17.63
CA THR B 193 13.00 -14.64 -17.99
C THR B 193 12.86 -15.08 -19.45
N ARG B 194 12.03 -14.40 -20.24
CA ARG B 194 11.84 -14.80 -21.62
C ARG B 194 12.89 -14.26 -22.59
N GLY B 195 13.34 -15.11 -23.51
CA GLY B 195 14.21 -14.70 -24.59
C GLY B 195 15.66 -14.46 -24.24
N GLY B 196 16.44 -14.03 -25.23
CA GLY B 196 17.82 -13.64 -25.01
C GLY B 196 18.77 -14.75 -24.59
N GLY B 197 18.50 -15.98 -25.01
CA GLY B 197 19.46 -17.07 -24.84
C GLY B 197 19.11 -18.14 -23.84
N ILE B 198 17.91 -18.09 -23.28
CA ILE B 198 17.54 -19.06 -22.25
C ILE B 198 16.45 -20.03 -22.71
N SER B 199 16.67 -21.32 -22.49
CA SER B 199 15.69 -22.34 -22.85
C SER B 199 14.54 -22.32 -21.86
N ARG B 200 13.45 -22.97 -22.23
CA ARG B 200 12.34 -23.07 -21.33
C ARG B 200 12.52 -23.91 -20.13
N THR B 201 13.27 -24.95 -20.23
CA THR B 201 13.73 -25.76 -19.09
C THR B 201 14.50 -24.93 -18.08
N ASP B 202 15.41 -24.10 -18.57
CA ASP B 202 16.18 -23.21 -17.70
C ASP B 202 15.31 -22.11 -17.10
N ARG B 203 14.28 -21.69 -17.83
CA ARG B 203 13.31 -20.74 -17.30
C ARG B 203 12.69 -21.32 -16.04
N TYR B 204 12.23 -22.56 -16.13
CA TYR B 204 11.60 -23.22 -15.00
C TYR B 204 12.58 -23.41 -13.86
N LYS B 205 13.81 -23.70 -14.19
CA LYS B 205 14.78 -23.86 -13.16
C LYS B 205 15.08 -22.61 -12.43
N SER B 206 15.31 -21.55 -13.15
CA SER B 206 15.64 -20.26 -12.55
C SER B 206 14.46 -19.69 -11.76
N LEU B 207 13.25 -19.97 -12.22
CA LEU B 207 12.08 -19.46 -11.53
C LEU B 207 11.87 -20.24 -10.24
N GLY B 208 11.90 -21.56 -10.33
CA GLY B 208 11.67 -22.42 -9.18
C GLY B 208 12.65 -22.24 -8.02
N ASN B 209 13.77 -21.59 -8.27
CA ASN B 209 14.79 -21.41 -7.25
C ASN B 209 14.81 -20.00 -6.68
N SER B 210 13.87 -19.18 -7.09
CA SER B 210 13.90 -17.74 -6.82
C SER B 210 13.13 -17.31 -5.57
N PHE B 211 13.39 -16.09 -5.10
CA PHE B 211 12.60 -15.47 -4.03
C PHE B 211 11.17 -15.30 -4.53
N GLN B 212 10.20 -15.46 -3.64
CA GLN B 212 8.88 -14.90 -3.90
C GLN B 212 9.01 -13.40 -3.60
N VAL B 213 8.88 -12.58 -4.63
CA VAL B 213 9.21 -11.16 -4.55
C VAL B 213 8.38 -10.35 -3.53
N ASP B 214 7.08 -10.61 -3.45
CA ASP B 214 6.22 -9.84 -2.53
C ASP B 214 6.61 -10.09 -1.07
N THR B 215 6.92 -11.34 -0.77
CA THR B 215 7.29 -11.75 0.58
C THR B 215 8.55 -11.00 0.99
N VAL B 216 9.56 -11.07 0.13
CA VAL B 216 10.84 -10.41 0.42
C VAL B 216 10.73 -8.88 0.47
N ALA B 217 9.86 -8.32 -0.37
CA ALA B 217 9.67 -6.87 -0.42
C ALA B 217 9.04 -6.39 0.87
N TYR B 218 8.10 -7.18 1.40
CA TYR B 218 7.47 -6.85 2.66
C TYR B 218 8.49 -6.71 3.79
N HIS B 219 9.55 -7.48 3.73
CA HIS B 219 10.57 -7.44 4.77
C HIS B 219 11.58 -6.33 4.50
N LEU B 220 11.89 -6.11 3.23
CA LEU B 220 12.88 -5.10 2.89
C LEU B 220 12.28 -3.69 2.91
N SER B 221 10.97 -3.60 3.09
CA SER B 221 10.26 -2.33 3.02
C SER B 221 10.73 -1.31 4.07
N VAL B 222 11.23 -1.81 5.20
CA VAL B 222 11.68 -0.94 6.27
C VAL B 222 12.91 -0.13 5.87
N LEU B 223 13.61 -0.60 4.85
CA LEU B 223 14.83 0.05 4.39
C LEU B 223 14.56 1.38 3.71
N LYS B 224 13.35 1.54 3.18
CA LYS B 224 13.02 2.71 2.36
C LYS B 224 13.20 4.03 3.09
N ASP B 225 12.74 4.08 4.35
CA ASP B 225 12.86 5.29 5.16
C ASP B 225 14.29 5.47 5.65
N LEU B 226 14.95 4.39 5.99
CA LEU B 226 16.33 4.47 6.39
C LEU B 226 17.27 4.96 5.33
N PHE B 227 17.04 4.62 4.07
CA PHE B 227 17.94 5.05 3.01
C PHE B 227 17.25 5.73 1.84
N PRO B 228 16.88 6.97 2.06
CA PRO B 228 16.19 7.80 1.07
C PRO B 228 17.10 8.05 -0.11
N GLY B 229 18.38 8.07 0.13
CA GLY B 229 19.34 8.27 -0.92
C GLY B 229 19.72 7.02 -1.70
N GLY B 230 19.09 5.91 -1.38
CA GLY B 230 19.39 4.64 -1.99
C GLY B 230 20.39 3.81 -1.22
N ILE B 231 20.68 2.62 -1.72
CA ILE B 231 21.53 1.71 -1.00
C ILE B 231 22.54 1.09 -1.90
N ASN B 232 23.62 0.63 -1.31
CA ASN B 232 24.54 -0.31 -1.95
C ASN B 232 24.21 -1.72 -1.46
N VAL B 233 24.10 -2.66 -2.39
CA VAL B 233 23.70 -4.03 -2.08
C VAL B 233 24.73 -5.06 -2.52
N LEU B 234 25.13 -5.92 -1.59
CA LEU B 234 25.92 -7.10 -1.94
C LEU B 234 24.96 -8.26 -2.07
N SER B 235 24.70 -8.66 -3.31
CA SER B 235 23.73 -9.69 -3.61
C SER B 235 24.45 -11.00 -3.89
N LEU B 236 24.36 -11.92 -2.93
CA LEU B 236 25.04 -13.20 -3.04
C LEU B 236 24.03 -14.23 -3.51
N PHE B 237 24.42 -15.03 -4.50
CA PHE B 237 23.57 -16.07 -5.04
C PHE B 237 22.30 -15.44 -5.64
N SER B 238 22.48 -14.40 -6.45
CA SER B 238 21.37 -13.52 -6.84
C SER B 238 20.35 -14.08 -7.84
N GLY B 239 20.72 -15.11 -8.60
CA GLY B 239 19.83 -15.74 -9.55
C GLY B 239 19.23 -14.77 -10.56
N ILE B 240 17.90 -14.72 -10.63
CA ILE B 240 17.23 -13.81 -11.55
C ILE B 240 16.87 -12.47 -10.92
N GLY B 241 17.40 -12.21 -9.73
CA GLY B 241 17.34 -10.88 -9.15
C GLY B 241 16.11 -10.57 -8.33
N GLY B 242 15.59 -11.60 -7.64
CA GLY B 242 14.42 -11.43 -6.79
C GLY B 242 14.55 -10.30 -5.77
N GLY B 243 15.74 -10.18 -5.19
CA GLY B 243 16.01 -9.15 -4.20
C GLY B 243 16.04 -7.76 -4.83
N GLU B 244 16.80 -7.65 -5.92
CA GLU B 244 16.89 -6.40 -6.67
C GLU B 244 15.52 -5.96 -7.18
N VAL B 245 14.73 -6.92 -7.67
CA VAL B 245 13.37 -6.62 -8.12
C VAL B 245 12.49 -6.15 -6.96
N ALA B 246 12.61 -6.79 -5.80
CA ALA B 246 11.86 -6.37 -4.62
C ALA B 246 12.18 -4.92 -4.23
N LEU B 247 13.47 -4.60 -4.14
CA LEU B 247 13.90 -3.24 -3.83
C LEU B 247 13.41 -2.22 -4.85
N TYR B 248 13.49 -2.60 -6.13
CA TYR B 248 12.98 -1.74 -7.20
C TYR B 248 11.50 -1.46 -7.08
N ARG B 249 10.72 -2.51 -6.82
CA ARG B 249 9.27 -2.39 -6.70
C ARG B 249 8.90 -1.61 -5.44
N LEU B 250 9.81 -1.61 -4.48
CA LEU B 250 9.62 -0.80 -3.28
C LEU B 250 9.90 0.69 -3.50
N GLY B 251 10.54 1.04 -4.62
CA GLY B 251 10.93 2.42 -4.86
C GLY B 251 12.16 2.84 -4.08
N ILE B 252 12.88 1.87 -3.50
CA ILE B 252 14.17 2.13 -2.90
C ILE B 252 15.25 2.12 -3.98
N PRO B 253 15.91 3.27 -4.19
CA PRO B 253 16.88 3.42 -5.28
C PRO B 253 18.11 2.52 -5.11
N LEU B 254 18.62 2.02 -6.22
CA LEU B 254 19.77 1.13 -6.21
C LEU B 254 21.00 1.86 -6.72
N ASN B 255 21.87 2.26 -5.80
CA ASN B 255 23.08 2.99 -6.16
C ASN B 255 24.14 2.07 -6.73
N THR B 256 24.49 1.05 -5.96
CA THR B 256 25.49 0.09 -6.40
C THR B 256 25.06 -1.31 -5.98
N VAL B 257 25.06 -2.23 -6.94
CA VAL B 257 24.74 -3.62 -6.65
C VAL B 257 25.88 -4.52 -7.10
N VAL B 258 26.56 -5.14 -6.15
CA VAL B 258 27.49 -6.21 -6.47
C VAL B 258 26.74 -7.53 -6.34
N SER B 259 26.55 -8.21 -7.46
CA SER B 259 25.84 -9.47 -7.43
C SER B 259 26.72 -10.63 -7.89
N VAL B 260 26.66 -11.72 -7.14
CA VAL B 260 27.43 -12.90 -7.43
C VAL B 260 26.48 -14.00 -7.87
N GLU B 261 26.59 -14.41 -9.13
CA GLU B 261 25.73 -15.44 -9.67
C GLU B 261 26.51 -16.32 -10.63
N LYS B 262 26.49 -17.61 -10.37
CA LYS B 262 27.27 -18.58 -11.14
C LYS B 262 26.80 -18.72 -12.59
N SER B 263 25.49 -18.71 -12.80
CA SER B 263 24.90 -19.01 -14.10
C SER B 263 24.80 -17.79 -15.03
N GLU B 264 25.40 -17.90 -16.22
CA GLU B 264 25.48 -16.77 -17.14
C GLU B 264 24.08 -16.37 -17.60
N VAL B 265 23.21 -17.35 -17.72
CA VAL B 265 21.84 -17.14 -18.16
C VAL B 265 21.10 -16.21 -17.16
N ASN B 266 21.34 -16.42 -15.87
CA ASN B 266 20.76 -15.56 -14.84
C ASN B 266 21.36 -14.16 -14.82
N ARG B 267 22.66 -14.07 -15.07
CA ARG B 267 23.34 -12.79 -15.11
C ARG B 267 22.80 -11.96 -16.26
N ASP B 268 22.56 -12.62 -17.39
CA ASP B 268 22.00 -11.96 -18.56
C ASP B 268 20.59 -11.47 -18.25
N ILE B 269 19.82 -12.30 -17.55
CA ILE B 269 18.47 -11.89 -17.20
C ILE B 269 18.51 -10.61 -16.36
N VAL B 270 19.38 -10.60 -15.35
CA VAL B 270 19.50 -9.44 -14.48
C VAL B 270 20.04 -8.20 -15.20
N ARG B 271 20.99 -8.41 -16.10
CA ARG B 271 21.57 -7.33 -16.89
C ARG B 271 20.50 -6.65 -17.77
N SER B 272 19.69 -7.48 -18.42
CA SER B 272 18.59 -6.98 -19.24
C SER B 272 17.58 -6.21 -18.41
N TRP B 273 17.25 -6.75 -17.24
CA TRP B 273 16.30 -6.08 -16.36
C TRP B 273 16.87 -4.74 -15.89
N TRP B 274 18.17 -4.75 -15.63
CA TRP B 274 18.87 -3.56 -15.17
C TRP B 274 18.78 -2.45 -16.21
N GLU B 275 18.96 -2.79 -17.48
CA GLU B 275 18.86 -1.75 -18.51
C GLU B 275 17.43 -1.35 -18.82
N GLN B 276 16.54 -2.33 -18.84
CA GLN B 276 15.14 -2.10 -19.19
C GLN B 276 14.44 -1.17 -18.19
N THR B 277 14.87 -1.20 -16.94
CA THR B 277 14.33 -0.32 -15.91
C THR B 277 15.12 0.98 -15.78
N ASN B 278 16.05 1.19 -16.70
CA ASN B 278 16.84 2.43 -16.76
C ASN B 278 17.60 2.74 -15.46
N GLN B 279 18.16 1.72 -14.85
CA GLN B 279 19.00 1.90 -13.68
C GLN B 279 20.21 2.76 -14.01
N ARG B 280 20.45 3.77 -13.21
CA ARG B 280 21.59 4.63 -13.44
C ARG B 280 22.74 4.31 -12.55
N GLY B 281 22.52 3.46 -11.58
CA GLY B 281 23.61 3.02 -10.72
C GLY B 281 24.58 2.03 -11.36
N ASN B 282 25.39 1.38 -10.54
CA ASN B 282 26.31 0.37 -11.05
C ASN B 282 25.84 -1.05 -10.75
N LEU B 283 25.90 -1.90 -11.77
CA LEU B 283 25.67 -3.33 -11.58
C LEU B 283 26.97 -4.06 -11.85
N ILE B 284 27.54 -4.68 -10.81
CA ILE B 284 28.80 -5.40 -10.93
C ILE B 284 28.55 -6.89 -10.75
N HIS B 285 28.93 -7.69 -11.75
CA HIS B 285 28.73 -9.12 -11.64
C HIS B 285 30.02 -9.88 -11.31
N PHE B 286 29.89 -10.86 -10.43
CA PHE B 286 30.94 -11.84 -10.21
C PHE B 286 30.34 -13.21 -10.42
N ASN B 287 31.08 -14.09 -11.06
CA ASN B 287 30.68 -15.47 -11.22
C ASN B 287 30.68 -16.31 -9.98
N ASP B 288 31.70 -16.16 -9.17
CA ASP B 288 31.88 -17.09 -8.08
C ASP B 288 32.14 -16.40 -6.77
N VAL B 289 31.62 -16.94 -5.71
CA VAL B 289 31.80 -16.34 -4.42
C VAL B 289 33.25 -16.28 -3.95
N GLN B 290 34.06 -17.15 -4.47
CA GLN B 290 35.41 -17.22 -4.03
C GLN B 290 36.23 -16.16 -4.71
N GLN B 291 35.63 -15.44 -5.63
CA GLN B 291 36.26 -14.26 -6.21
C GLN B 291 36.35 -13.16 -5.18
N LEU B 292 35.45 -13.16 -4.22
CA LEU B 292 35.52 -12.14 -3.18
C LEU B 292 36.33 -12.55 -1.97
N ASN B 293 37.60 -12.16 -2.03
CA ASN B 293 38.49 -12.22 -0.90
C ASN B 293 38.53 -10.86 -0.25
N GLY B 294 39.36 -10.70 0.77
CA GLY B 294 39.44 -9.42 1.43
C GLY B 294 39.88 -8.25 0.59
N ASP B 295 40.90 -8.41 -0.24
CA ASP B 295 41.30 -7.31 -1.13
C ASP B 295 40.19 -6.87 -2.08
N ARG B 296 39.48 -7.83 -2.67
CA ARG B 296 38.36 -7.51 -3.55
C ARG B 296 37.29 -6.76 -2.79
N LEU B 297 36.95 -7.26 -1.61
CA LEU B 297 35.94 -6.64 -0.77
C LEU B 297 36.31 -5.21 -0.40
N GLU B 298 37.49 -5.02 0.17
CA GLU B 298 37.91 -3.68 0.58
C GLU B 298 38.12 -2.73 -0.60
N GLN B 299 38.39 -3.29 -1.78
CA GLN B 299 38.48 -2.48 -3.00
C GLN B 299 37.09 -2.01 -3.43
N LEU B 300 36.13 -2.92 -3.40
CA LEU B 300 34.73 -2.59 -3.67
C LEU B 300 34.21 -1.53 -2.70
N ILE B 301 34.54 -1.70 -1.43
CA ILE B 301 34.10 -0.77 -0.39
C ILE B 301 34.81 0.57 -0.52
N GLU B 302 36.06 0.55 -0.96
CA GLU B 302 36.81 1.80 -1.11
C GLU B 302 36.44 2.58 -2.36
N SER B 303 35.95 1.88 -3.37
CA SER B 303 35.58 2.55 -4.62
C SER B 303 34.08 2.83 -4.77
N PHE B 304 33.27 2.21 -3.93
CA PHE B 304 31.82 2.42 -4.00
C PHE B 304 31.20 2.80 -2.66
N GLY B 305 31.99 2.73 -1.60
CA GLY B 305 31.45 2.90 -0.26
C GLY B 305 30.96 1.55 0.22
N GLY B 306 30.58 1.46 1.48
CA GLY B 306 30.16 0.20 2.05
C GLY B 306 28.84 -0.33 1.51
N PHE B 307 28.45 -1.51 1.98
CA PHE B 307 27.15 -2.07 1.64
C PHE B 307 26.16 -1.84 2.76
N ASP B 308 24.94 -1.46 2.42
CA ASP B 308 23.92 -1.20 3.41
C ASP B 308 23.05 -2.45 3.59
N LEU B 309 23.18 -3.37 2.65
CA LEU B 309 22.40 -4.61 2.69
C LEU B 309 23.17 -5.78 2.06
N VAL B 310 23.34 -6.84 2.82
CA VAL B 310 23.90 -8.09 2.30
C VAL B 310 22.80 -9.15 2.24
N ILE B 311 22.40 -9.52 1.04
CA ILE B 311 21.29 -10.41 0.85
C ILE B 311 21.64 -11.69 0.10
N GLY B 312 21.16 -12.80 0.60
CA GLY B 312 21.48 -14.10 0.09
C GLY B 312 20.31 -15.03 0.14
N GLY B 313 20.33 -16.02 -0.71
CA GLY B 313 19.30 -17.03 -0.79
C GLY B 313 19.94 -18.39 -0.95
N SER B 314 19.18 -19.42 -0.60
CA SER B 314 19.53 -20.82 -0.70
C SER B 314 20.26 -21.23 -1.97
N LEU B 337 28.36 -23.46 1.18
CA LEU B 337 28.37 -22.18 0.51
C LEU B 337 27.86 -21.11 1.43
N PHE B 338 27.05 -21.55 2.35
CA PHE B 338 26.58 -20.77 3.45
C PHE B 338 27.80 -20.34 4.22
N SER B 339 28.76 -21.21 4.25
CA SER B 339 29.99 -20.89 4.88
C SER B 339 30.51 -19.69 4.13
N SER B 340 30.30 -19.67 2.83
CA SER B 340 30.80 -18.58 2.01
C SER B 340 30.02 -17.28 2.15
N TYR B 341 28.75 -17.42 2.43
CA TYR B 341 27.86 -16.32 2.77
C TYR B 341 28.34 -15.68 4.05
N VAL B 342 28.70 -16.49 5.01
CA VAL B 342 29.10 -16.00 6.28
C VAL B 342 30.46 -15.35 6.32
N ARG B 343 31.42 -15.97 5.68
CA ARG B 343 32.75 -15.38 5.61
C ARG B 343 32.67 -14.03 4.92
N ILE B 344 31.93 -13.97 3.81
CA ILE B 344 31.76 -12.72 3.08
C ILE B 344 31.07 -11.63 3.92
N LEU B 345 29.90 -11.95 4.49
CA LEU B 345 29.17 -11.00 5.34
C LEU B 345 30.07 -10.48 6.47
N ASP B 346 30.85 -11.37 7.05
CA ASP B 346 31.75 -10.97 8.12
C ASP B 346 32.84 -10.01 7.63
N LEU B 347 33.56 -10.38 6.59
CA LEU B 347 34.58 -9.48 6.02
C LEU B 347 34.00 -8.08 5.72
N VAL B 348 32.79 -8.07 5.17
CA VAL B 348 32.05 -6.83 4.94
C VAL B 348 31.86 -6.07 6.26
N LYS B 349 31.34 -6.76 7.26
CA LYS B 349 31.11 -6.20 8.59
C LYS B 349 32.36 -5.56 9.17
N SER B 350 33.48 -6.26 8.99
CA SER B 350 34.77 -5.83 9.51
C SER B 350 35.24 -4.55 8.84
N ILE B 351 35.37 -4.59 7.52
CA ILE B 351 35.88 -3.43 6.78
C ILE B 351 35.03 -2.18 7.07
N MET B 352 33.77 -2.44 7.35
CA MET B 352 32.88 -1.41 7.75
C MET B 352 32.96 -1.29 9.26
N SFG C . -10.29 22.02 3.47
CA SFG C . -10.57 22.23 4.90
C SFG C . -9.92 21.06 5.66
O SFG C . -9.47 20.11 4.98
OXT SFG C . -9.85 21.18 6.90
CB SFG C . -12.09 22.33 5.09
CG SFG C . -12.46 23.62 4.38
CD SFG C . -13.92 24.10 4.27
NE SFG C . -14.77 23.19 3.52
C5' SFG C . -13.71 25.47 3.60
C4' SFG C . -12.92 26.14 4.76
O4' SFG C . -13.61 27.35 4.20
C3' SFG C . -13.28 26.63 6.15
O3' SFG C . -12.13 27.15 6.82
C2' SFG C . -14.29 27.68 5.90
O2' SFG C . -14.54 28.41 7.10
C1' SFG C . -13.26 28.45 5.05
N9 SFG C . -13.87 29.71 4.53
C8 SFG C . -15.12 30.14 4.60
N7 SFG C . -15.19 31.31 3.95
C5 SFG C . -13.98 31.57 3.44
C6 SFG C . -13.52 32.60 2.72
N6 SFG C . -14.39 33.57 2.41
N1 SFG C . -12.24 32.68 2.31
C2 SFG C . -11.38 31.65 2.66
N3 SFG C . -11.89 30.58 3.42
C4 SFG C . -13.18 30.56 3.77
N SFG D . 17.14 -16.22 -4.68
CA SFG D . 17.85 -16.08 -5.93
C SFG D . 17.02 -15.32 -6.90
O SFG D . 17.06 -15.52 -8.10
OXT SFG D . 16.26 -14.50 -6.43
CB SFG D . 18.16 -17.44 -6.53
CG SFG D . 19.51 -17.95 -6.11
CD SFG D . 19.45 -19.44 -5.88
NE SFG D . 18.61 -19.66 -4.75
C5' SFG D . 20.84 -19.96 -5.56
C4' SFG D . 21.80 -19.50 -6.64
O4' SFG D . 23.14 -19.69 -6.27
C3' SFG D . 21.67 -20.33 -7.88
O3' SFG D . 20.97 -19.54 -8.81
C2' SFG D . 23.07 -20.63 -8.34
O2' SFG D . 23.18 -20.30 -9.70
C1' SFG D . 23.89 -19.72 -7.45
N9 SFG D . 25.17 -20.29 -7.08
C8 SFG D . 25.44 -21.52 -6.69
N7 SFG D . 26.75 -21.64 -6.42
C5 SFG D . 27.32 -20.45 -6.62
C6 SFG D . 28.66 -19.84 -6.54
N6 SFG D . 29.73 -20.55 -6.15
N1 SFG D . 28.79 -18.56 -6.85
C2 SFG D . 27.77 -17.82 -7.23
N3 SFG D . 26.54 -18.31 -7.34
C4 SFG D . 26.26 -19.57 -7.05
#